data_3DWB
#
_entry.id   3DWB
#
_cell.length_a   120.880
_cell.length_b   120.880
_cell.length_c   192.346
_cell.angle_alpha   90.00
_cell.angle_beta   90.00
_cell.angle_gamma   120.00
#
_symmetry.space_group_name_H-M   'P 61 2 2'
#
loop_
_entity.id
_entity.type
_entity.pdbx_description
1 polymer 'Endothelin-converting enzyme 1'
2 non-polymer 'ZINC ION'
3 non-polymer 5-(2-hydroxyethyl)nonane-1,9-diol
4 non-polymer N-ALPHA-L-RHAMNOPYRANOSYLOXY(HYDROXYPHOSPHINYL)-L-LEUCYL-L-TRYPTOPHAN
5 water water
#
_entity_poly.entity_id   1
_entity_poly.type   'polypeptide(L)'
_entity_poly.pdbx_seq_one_letter_code
;SEACVSVTSSILSSMDPTVDPCHDFFSYACGGWIKANPVPDGHSRWGTFSNLWEHNQAIIKHLLENSTASVSEAERKAQV
YYRACMNETRIEELRAKPLMELIERLGGWNITGPWAKDNFQDTLQVVTAHYRTSPFFSVYVSADSKNSNSNVIQVDQSGL
GLPSRDYYLNKTENEKVLTGYLNYMVQLGKLLGGGDEEAIRPQMQQILDFETALANITIPQEKRRDEELIYHKVTAAELQ
TLAPAINWLPFLNTIFYPVEINESEPIVVYDKEYLEQISTLINTTDRCLLNNYMIWNLVRKTSSFLDQRFQDADEKFMEV
MYGTKKTSLPRWKFCVSDTENNLGFALGPMFVKATFAEDSKSIATEIILEIKKAFEESLSTLKWMDEETRKSAKEKADAI
YNMIGYPNFIMDPKELDKVFNDYTAVPDLYFENAMRFFNFSWRVTADQLRKAPNRDQWSMTPPMVNAYYSPTKNEIVFPA
GILQAPFYTRSSPKALNFGGIGVVVGHELTHAFDDQGREYDKDGNLRPWWKNSSVEAFKRQTECMVEQYSNYSVNGEPVN
GRHTLGENIADNGGLKAAYRAYQNWVKKNGAEHSLPTLGLTNNQLFFLGFAQVWCSVRTPESSHEGLITDPHSPSRFRVI
GSLSNSKEFSEHFRCPPGSPMNPPHKCEVW
;
_entity_poly.pdbx_strand_id   A
#
# COMPACT_ATOMS: atom_id res chain seq x y z
N SER A 1 11.14 -28.86 19.87
CA SER A 1 11.31 -28.73 21.35
C SER A 1 12.05 -27.44 21.69
N GLU A 2 13.35 -27.40 21.40
CA GLU A 2 14.13 -26.16 21.54
C GLU A 2 13.56 -25.03 20.67
N ALA A 3 12.84 -25.41 19.60
CA ALA A 3 12.11 -24.47 18.75
C ALA A 3 10.81 -24.08 19.42
N CYS A 4 10.12 -25.06 20.00
CA CYS A 4 8.94 -24.76 20.82
C CYS A 4 9.32 -23.87 22.01
N VAL A 5 10.47 -24.18 22.61
CA VAL A 5 10.96 -23.53 23.83
C VAL A 5 11.42 -22.09 23.56
N SER A 6 12.14 -21.89 22.46
CA SER A 6 12.46 -20.55 21.99
C SER A 6 11.19 -19.74 21.63
N VAL A 7 10.22 -20.40 21.00
CA VAL A 7 8.99 -19.73 20.56
C VAL A 7 8.08 -19.41 21.74
N THR A 8 7.98 -20.34 22.68
CA THR A 8 7.33 -20.05 23.96
C THR A 8 7.93 -18.79 24.60
N SER A 9 9.25 -18.75 24.70
CA SER A 9 9.93 -17.64 25.37
C SER A 9 9.54 -16.29 24.80
N SER A 10 9.52 -16.21 23.46
CA SER A 10 9.21 -14.97 22.78
C SER A 10 7.73 -14.59 22.93
N ILE A 11 6.86 -15.60 22.94
CA ILE A 11 5.46 -15.40 23.29
C ILE A 11 5.42 -14.78 24.67
N LEU A 12 6.01 -15.49 25.62
CA LEU A 12 5.98 -15.08 27.02
C LEU A 12 6.62 -13.71 27.25
N SER A 13 7.78 -13.48 26.67
CA SER A 13 8.42 -12.15 26.66
C SER A 13 7.43 -11.04 26.37
N SER A 14 6.71 -11.19 25.26
CA SER A 14 5.82 -10.16 24.71
C SER A 14 4.63 -9.79 25.58
N MET A 15 4.22 -10.68 26.48
CA MET A 15 2.92 -10.47 27.13
C MET A 15 3.08 -9.64 28.37
N ASP A 16 1.95 -9.26 28.95
CA ASP A 16 1.96 -8.58 30.24
C ASP A 16 0.96 -9.32 31.14
N PRO A 17 1.43 -10.38 31.82
CA PRO A 17 0.55 -11.15 32.71
C PRO A 17 -0.11 -10.37 33.87
N THR A 18 0.41 -9.18 34.20
CA THR A 18 -0.28 -8.27 35.14
C THR A 18 -1.64 -7.76 34.59
N VAL A 19 -1.83 -7.88 33.27
CA VAL A 19 -3.09 -7.48 32.62
C VAL A 19 -3.96 -8.69 32.37
N ASP A 20 -5.26 -8.51 32.61
CA ASP A 20 -6.29 -9.54 32.45
C ASP A 20 -6.81 -9.59 30.98
N PRO A 21 -6.73 -10.77 30.32
CA PRO A 21 -7.06 -10.93 28.90
C PRO A 21 -8.46 -10.45 28.56
N CYS A 22 -9.37 -10.63 29.51
CA CYS A 22 -10.78 -10.27 29.34
C CYS A 22 -11.04 -8.79 29.59
N HIS A 23 -9.99 -8.06 29.94
CA HIS A 23 -10.11 -6.64 30.12
C HIS A 23 -9.56 -5.93 28.92
N ASP A 24 -8.33 -6.29 28.56
CA ASP A 24 -7.65 -5.78 27.41
C ASP A 24 -6.70 -6.86 26.97
N PHE A 25 -7.03 -7.55 25.87
CA PHE A 25 -6.24 -8.69 25.42
C PHE A 25 -4.96 -8.25 24.72
N PHE A 26 -4.96 -7.05 24.17
CA PHE A 26 -3.80 -6.53 23.43
C PHE A 26 -2.68 -6.24 24.39
N SER A 27 -2.99 -5.42 25.40
CA SER A 27 -2.09 -5.19 26.53
C SER A 27 -1.57 -6.49 27.12
N TYR A 28 -2.49 -7.42 27.36
CA TYR A 28 -2.17 -8.76 27.88
C TYR A 28 -1.17 -9.49 26.98
N ALA A 29 -1.29 -9.33 25.67
CA ALA A 29 -0.51 -10.10 24.67
C ALA A 29 0.78 -9.38 24.25
N CYS A 30 0.72 -8.05 24.27
CA CYS A 30 1.78 -7.20 23.74
C CYS A 30 2.37 -6.22 24.75
N GLY A 31 1.79 -6.12 25.94
CA GLY A 31 2.21 -5.10 26.91
C GLY A 31 3.67 -5.22 27.27
N GLY A 32 4.16 -6.46 27.25
CA GLY A 32 5.55 -6.74 27.49
C GLY A 32 6.37 -6.21 26.36
N TRP A 33 5.88 -6.39 25.14
CA TRP A 33 6.64 -6.04 23.93
C TRP A 33 6.67 -4.53 23.79
N ILE A 34 5.50 -3.92 23.88
CA ILE A 34 5.39 -2.48 23.94
C ILE A 34 6.46 -1.88 24.88
N LYS A 35 6.36 -2.19 26.17
CA LYS A 35 7.27 -1.63 27.18
C LYS A 35 8.75 -1.90 26.91
N ALA A 36 9.09 -3.08 26.41
CA ALA A 36 10.48 -3.39 26.06
C ALA A 36 10.92 -2.64 24.81
N ASN A 37 10.20 -2.84 23.70
CA ASN A 37 10.65 -2.30 22.42
C ASN A 37 10.32 -0.81 22.25
N PRO A 38 11.36 0.04 22.13
CA PRO A 38 11.14 1.44 21.85
C PRO A 38 11.20 1.69 20.34
N VAL A 39 10.51 2.71 19.86
CA VAL A 39 10.55 3.08 18.44
C VAL A 39 12.00 3.49 18.10
N PRO A 40 12.72 2.68 17.31
CA PRO A 40 14.13 2.97 16.97
C PRO A 40 14.38 4.27 16.20
N ASP A 41 15.66 4.49 15.87
CA ASP A 41 16.13 5.74 15.25
C ASP A 41 15.42 6.06 13.94
N GLY A 42 15.64 5.22 12.93
CA GLY A 42 15.14 5.48 11.57
C GLY A 42 13.64 5.30 11.38
N HIS A 43 12.93 4.86 12.41
CA HIS A 43 11.52 4.52 12.30
C HIS A 43 10.64 5.36 13.22
N SER A 44 9.37 5.52 12.82
CA SER A 44 8.37 6.31 13.58
C SER A 44 7.15 5.47 14.01
N ARG A 45 7.20 4.20 13.68
CA ARG A 45 6.10 3.28 13.90
C ARG A 45 6.71 1.91 13.65
N TRP A 46 6.71 1.04 14.67
CA TRP A 46 7.47 -0.19 14.62
C TRP A 46 6.65 -1.36 15.15
N GLY A 47 7.00 -2.55 14.68
CA GLY A 47 6.19 -3.74 14.93
C GLY A 47 6.67 -4.93 14.14
N THR A 48 5.75 -5.80 13.76
CA THR A 48 6.06 -7.06 13.06
C THR A 48 6.50 -6.80 11.62
N PHE A 49 5.80 -5.88 10.97
CA PHE A 49 6.00 -5.57 9.56
C PHE A 49 7.31 -4.81 9.37
N SER A 50 7.48 -3.75 10.16
CA SER A 50 8.78 -3.07 10.27
C SER A 50 9.92 -4.06 10.44
N ASN A 51 9.75 -4.98 11.40
CA ASN A 51 10.81 -5.91 11.76
C ASN A 51 11.22 -6.84 10.62
N LEU A 52 10.25 -7.49 10.00
CA LEU A 52 10.52 -8.51 8.97
C LEU A 52 11.09 -7.89 7.69
N TRP A 53 10.58 -6.70 7.34
CA TRP A 53 11.05 -5.98 6.17
C TRP A 53 12.56 -5.79 6.23
N GLU A 54 13.07 -5.37 7.39
CA GLU A 54 14.50 -5.13 7.61
C GLU A 54 15.32 -6.42 7.61
N HIS A 55 14.76 -7.52 8.12
CA HIS A 55 15.41 -8.83 7.99
C HIS A 55 15.64 -9.17 6.52
N ASN A 56 14.62 -8.96 5.69
CA ASN A 56 14.68 -9.18 4.23
C ASN A 56 15.74 -8.33 3.52
N GLN A 57 15.72 -7.01 3.78
CA GLN A 57 16.68 -6.09 3.17
C GLN A 57 18.08 -6.67 3.29
N ALA A 58 18.48 -7.02 4.51
CA ALA A 58 19.81 -7.59 4.79
C ALA A 58 20.11 -8.86 3.98
N ILE A 59 19.09 -9.58 3.58
CA ILE A 59 19.27 -10.77 2.75
C ILE A 59 19.50 -10.36 1.30
N ILE A 60 18.91 -9.23 0.94
CA ILE A 60 18.97 -8.68 -0.41
C ILE A 60 20.38 -8.12 -0.71
N LYS A 61 21.11 -7.70 0.32
CA LYS A 61 22.50 -7.24 0.16
C LYS A 61 23.39 -8.36 -0.37
N HIS A 62 23.40 -9.50 0.31
CA HIS A 62 24.24 -10.65 -0.05
C HIS A 62 23.86 -11.25 -1.41
N LEU A 63 22.58 -11.22 -1.72
CA LEU A 63 22.11 -11.60 -3.06
C LEU A 63 22.66 -10.66 -4.13
N LEU A 64 22.51 -9.35 -3.88
CA LEU A 64 22.91 -8.33 -4.85
C LEU A 64 24.42 -8.23 -5.02
N GLU A 65 25.17 -8.38 -3.91
CA GLU A 65 26.65 -8.41 -3.93
C GLU A 65 27.15 -9.82 -4.26
N ASN A 66 26.89 -10.25 -5.49
CA ASN A 66 27.42 -11.51 -5.97
C ASN A 66 28.78 -11.26 -6.60
N SER A 67 29.58 -12.32 -6.69
CA SER A 67 30.83 -12.33 -7.44
C SER A 67 30.64 -13.13 -8.73
N THR A 68 29.95 -14.27 -8.61
CA THR A 68 29.87 -15.27 -9.68
C THR A 68 29.18 -14.79 -10.97
N ALA A 69 28.54 -13.62 -10.93
CA ALA A 69 27.75 -13.09 -12.07
C ALA A 69 26.94 -14.23 -12.71
N SER A 70 26.36 -15.07 -11.85
CA SER A 70 25.67 -16.29 -12.24
C SER A 70 24.16 -16.05 -12.18
N VAL A 71 23.74 -14.94 -12.77
CA VAL A 71 22.35 -14.53 -12.77
C VAL A 71 21.96 -13.89 -14.11
N SER A 72 20.65 -13.73 -14.30
CA SER A 72 20.05 -13.34 -15.59
C SER A 72 20.22 -11.86 -15.87
N GLU A 73 19.96 -11.46 -17.11
CA GLU A 73 19.99 -10.04 -17.51
C GLU A 73 19.31 -9.20 -16.44
N ALA A 74 18.05 -9.54 -16.18
CA ALA A 74 17.18 -8.77 -15.30
C ALA A 74 17.78 -8.72 -13.93
N GLU A 75 18.19 -9.87 -13.43
CA GLU A 75 18.88 -9.97 -12.16
C GLU A 75 20.22 -9.23 -12.19
N ARG A 76 20.95 -9.39 -13.29
CA ARG A 76 22.20 -8.66 -13.52
C ARG A 76 21.98 -7.14 -13.53
N LYS A 77 20.83 -6.68 -14.03
CA LYS A 77 20.54 -5.24 -14.08
C LYS A 77 20.30 -4.63 -12.71
N ALA A 78 19.75 -5.43 -11.79
CA ALA A 78 19.52 -4.99 -10.40
C ALA A 78 20.84 -4.85 -9.65
N GLN A 79 21.73 -5.83 -9.89
CA GLN A 79 23.09 -5.78 -9.35
C GLN A 79 23.79 -4.50 -9.80
N VAL A 80 23.68 -4.18 -11.08
CA VAL A 80 24.22 -2.92 -11.65
C VAL A 80 23.56 -1.68 -11.07
N TYR A 81 22.24 -1.70 -10.99
CA TYR A 81 21.50 -0.60 -10.37
C TYR A 81 21.98 -0.38 -8.93
N TYR A 82 22.29 -1.48 -8.24
CA TYR A 82 22.67 -1.45 -6.84
C TYR A 82 24.07 -0.87 -6.72
N ARG A 83 25.03 -1.51 -7.36
CA ARG A 83 26.40 -1.00 -7.37
C ARG A 83 26.39 0.48 -7.71
N ALA A 84 25.72 0.85 -8.80
CA ALA A 84 25.67 2.25 -9.24
C ALA A 84 25.26 3.22 -8.12
N CYS A 85 24.23 2.89 -7.36
CA CYS A 85 23.79 3.78 -6.28
C CYS A 85 24.69 3.72 -5.06
N MET A 86 25.28 2.55 -4.83
CA MET A 86 26.21 2.35 -3.72
C MET A 86 27.58 3.02 -3.97
N ASN A 87 27.94 3.24 -5.23
CA ASN A 87 29.11 4.06 -5.54
C ASN A 87 28.74 5.55 -5.36
N GLU A 88 28.98 5.99 -4.09
CA GLU A 88 28.64 7.35 -3.67
C GLU A 88 29.86 8.25 -3.60
N THR A 89 31.05 7.67 -3.79
CA THR A 89 32.23 8.47 -4.12
C THR A 89 31.92 9.20 -5.43
N ARG A 90 31.22 8.53 -6.34
CA ARG A 90 30.82 9.12 -7.61
C ARG A 90 29.71 10.15 -7.45
N ILE A 91 28.80 9.89 -6.52
CA ILE A 91 27.61 10.70 -6.33
C ILE A 91 27.94 12.04 -5.66
N GLU A 92 28.97 12.05 -4.82
CA GLU A 92 29.49 13.29 -4.23
C GLU A 92 30.31 14.12 -5.24
N GLU A 93 30.82 13.44 -6.26
CA GLU A 93 31.57 14.07 -7.36
C GLU A 93 30.66 14.75 -8.39
N LEU A 94 29.39 14.32 -8.46
CA LEU A 94 28.42 14.92 -9.38
C LEU A 94 27.62 16.08 -8.80
N ARG A 95 27.37 16.05 -7.49
CA ARG A 95 26.56 17.06 -6.79
C ARG A 95 25.17 17.26 -7.47
N ALA A 96 24.67 18.50 -7.46
CA ALA A 96 23.36 18.82 -8.06
C ALA A 96 23.36 18.76 -9.57
N LYS A 97 24.55 18.75 -10.17
CA LYS A 97 24.70 18.77 -11.63
C LYS A 97 23.69 17.88 -12.39
N PRO A 98 23.48 16.62 -11.95
CA PRO A 98 22.60 15.79 -12.76
C PRO A 98 21.21 16.39 -12.90
N LEU A 99 20.59 16.72 -11.76
CA LEU A 99 19.22 17.29 -11.69
C LEU A 99 19.24 18.73 -12.15
N MET A 100 20.20 19.46 -11.60
CA MET A 100 20.48 20.84 -12.00
C MET A 100 20.65 21.00 -13.51
N GLU A 101 21.25 19.99 -14.17
CA GLU A 101 21.29 19.88 -15.65
C GLU A 101 19.93 19.53 -16.29
N LEU A 102 19.36 18.41 -15.87
CA LEU A 102 18.05 17.94 -16.35
C LEU A 102 17.02 19.05 -16.48
N ILE A 103 16.87 19.84 -15.44
CA ILE A 103 15.99 21.02 -15.46
C ILE A 103 16.07 21.90 -16.72
N GLU A 104 17.29 22.16 -17.21
CA GLU A 104 17.49 23.18 -18.24
C GLU A 104 17.11 22.57 -19.57
N ARG A 105 17.40 21.29 -19.72
CA ARG A 105 16.92 20.54 -20.87
C ARG A 105 15.41 20.69 -20.94
N LEU A 106 14.77 20.80 -19.78
CA LEU A 106 13.32 21.01 -19.70
C LEU A 106 12.92 22.49 -19.89
N GLY A 107 13.89 23.36 -19.75
CA GLY A 107 13.69 24.79 -19.97
C GLY A 107 13.90 25.66 -18.75
N GLY A 108 14.38 25.06 -17.64
CA GLY A 108 14.76 25.82 -16.44
C GLY A 108 13.59 26.26 -15.59
N TRP A 109 13.87 27.10 -14.59
CA TRP A 109 12.85 27.69 -13.72
C TRP A 109 13.34 28.96 -13.08
N ASN A 110 12.39 29.85 -12.75
CA ASN A 110 12.70 31.16 -12.16
C ASN A 110 13.63 31.15 -10.95
N ILE A 111 13.87 29.98 -10.35
CA ILE A 111 14.92 29.85 -9.33
C ILE A 111 16.32 29.93 -9.95
N THR A 112 16.40 29.71 -11.27
CA THR A 112 17.63 29.83 -12.07
C THR A 112 17.38 30.32 -13.52
N GLY A 113 17.56 31.60 -13.82
CA GLY A 113 17.38 32.71 -12.89
C GLY A 113 16.04 33.25 -13.31
N PRO A 114 16.00 34.08 -14.38
CA PRO A 114 14.71 34.43 -14.99
C PRO A 114 14.15 33.28 -15.78
N TRP A 115 12.84 33.34 -16.04
CA TRP A 115 12.16 32.31 -16.83
C TRP A 115 10.91 32.89 -17.51
N ALA A 116 10.78 32.66 -18.82
CA ALA A 116 9.61 33.16 -19.59
C ALA A 116 9.44 32.45 -20.94
N LYS A 117 8.58 31.42 -20.98
CA LYS A 117 8.40 30.56 -22.17
C LYS A 117 6.97 30.02 -22.35
N ASP A 118 6.59 29.77 -23.60
CA ASP A 118 5.28 29.16 -23.92
C ASP A 118 5.40 27.62 -23.99
N ASN A 119 5.82 26.98 -22.88
CA ASN A 119 6.19 25.56 -22.94
C ASN A 119 5.39 24.63 -22.00
N PHE A 120 4.13 24.97 -21.73
CA PHE A 120 3.38 24.33 -20.63
C PHE A 120 3.00 22.87 -20.85
N GLN A 121 2.19 22.59 -21.87
CA GLN A 121 1.69 21.21 -22.04
C GLN A 121 2.84 20.30 -22.42
N ASP A 122 3.88 20.89 -23.02
CA ASP A 122 5.11 20.23 -23.38
C ASP A 122 5.86 19.72 -22.20
N THR A 123 6.15 20.59 -21.26
CA THR A 123 6.85 20.19 -20.04
C THR A 123 5.92 19.33 -19.17
N LEU A 124 4.61 19.57 -19.30
CA LEU A 124 3.64 18.73 -18.61
C LEU A 124 3.75 17.33 -19.20
N GLN A 125 3.76 17.21 -20.52
CA GLN A 125 3.87 15.90 -21.13
C GLN A 125 5.15 15.21 -20.71
N VAL A 126 6.27 15.92 -20.71
CA VAL A 126 7.57 15.32 -20.41
C VAL A 126 7.63 14.76 -18.97
N VAL A 127 7.34 15.60 -17.99
CA VAL A 127 7.48 15.18 -16.60
C VAL A 127 6.56 14.03 -16.26
N THR A 128 5.41 13.94 -16.92
CA THR A 128 4.51 12.82 -16.65
C THR A 128 4.87 11.51 -17.33
N ALA A 129 5.36 11.55 -18.55
CA ALA A 129 5.67 10.33 -19.30
C ALA A 129 7.13 9.92 -19.18
N HIS A 130 8.02 10.88 -18.94
CA HIS A 130 9.44 10.59 -18.90
C HIS A 130 9.96 10.47 -17.49
N TYR A 131 9.47 11.32 -16.59
CA TYR A 131 9.91 11.28 -15.19
C TYR A 131 8.80 10.83 -14.25
N ARG A 132 7.72 10.27 -14.80
CA ARG A 132 6.76 9.51 -13.97
C ARG A 132 6.27 10.34 -12.79
N THR A 133 6.05 11.60 -13.10
CA THR A 133 5.64 12.60 -12.14
C THR A 133 4.14 12.76 -12.42
N SER A 134 3.45 13.38 -11.46
CA SER A 134 2.00 13.54 -11.52
C SER A 134 1.55 14.89 -10.94
N PRO A 135 1.90 16.01 -11.60
CA PRO A 135 1.41 17.32 -11.15
C PRO A 135 0.00 17.51 -11.67
N PHE A 136 -0.85 18.22 -10.92
CA PHE A 136 -2.22 18.57 -11.35
C PHE A 136 -3.20 17.40 -11.24
N PHE A 137 -2.77 16.26 -11.76
CA PHE A 137 -3.59 15.08 -11.79
C PHE A 137 -2.67 13.95 -12.09
N SER A 138 -3.13 12.74 -11.80
CA SER A 138 -2.41 11.52 -12.12
C SER A 138 -3.14 10.79 -13.26
N VAL A 139 -2.38 10.38 -14.27
CA VAL A 139 -2.88 9.65 -15.41
C VAL A 139 -2.26 8.26 -15.41
N TYR A 140 -3.03 7.23 -15.71
CA TYR A 140 -2.44 5.91 -15.82
C TYR A 140 -3.40 4.93 -16.50
N VAL A 141 -3.00 3.67 -16.51
CA VAL A 141 -3.71 2.60 -17.17
C VAL A 141 -3.92 1.37 -16.24
N SER A 142 -5.16 1.11 -15.82
CA SER A 142 -5.50 -0.16 -15.18
C SER A 142 -6.87 -0.64 -15.62
N ALA A 143 -7.23 -1.81 -15.12
CA ALA A 143 -8.51 -2.44 -15.45
C ALA A 143 -9.67 -1.47 -15.35
N ASP A 144 -10.55 -1.55 -16.35
CA ASP A 144 -11.82 -0.88 -16.33
C ASP A 144 -12.70 -1.60 -15.31
N SER A 145 -13.00 -0.93 -14.19
CA SER A 145 -13.86 -1.48 -13.15
C SER A 145 -15.14 -2.09 -13.70
N LYS A 146 -15.67 -1.53 -14.79
CA LYS A 146 -16.94 -2.01 -15.36
C LYS A 146 -16.80 -2.97 -16.52
N ASN A 147 -15.56 -3.34 -16.84
CA ASN A 147 -15.21 -4.23 -17.94
C ASN A 147 -13.78 -4.71 -17.70
N SER A 148 -13.66 -5.59 -16.72
CA SER A 148 -12.38 -6.06 -16.19
C SER A 148 -11.42 -6.74 -17.16
N ASN A 149 -11.89 -7.16 -18.33
CA ASN A 149 -11.00 -7.74 -19.32
C ASN A 149 -10.29 -6.68 -20.17
N SER A 150 -10.57 -5.40 -19.95
CA SER A 150 -9.90 -4.30 -20.65
C SER A 150 -9.19 -3.42 -19.65
N ASN A 151 -8.15 -2.74 -20.14
CA ASN A 151 -7.54 -1.61 -19.47
C ASN A 151 -8.15 -0.33 -20.01
N VAL A 152 -8.10 0.76 -19.24
CA VAL A 152 -8.57 2.08 -19.66
C VAL A 152 -7.66 3.13 -19.07
N ILE A 153 -7.63 4.30 -19.73
CA ILE A 153 -7.06 5.53 -19.20
C ILE A 153 -7.89 6.04 -18.00
N GLN A 154 -7.16 6.52 -16.99
CA GLN A 154 -7.78 6.94 -15.74
C GLN A 154 -7.13 8.23 -15.36
N VAL A 155 -7.94 9.23 -15.05
CA VAL A 155 -7.42 10.50 -14.59
C VAL A 155 -7.93 10.62 -13.16
N ASP A 156 -7.04 10.98 -12.26
CA ASP A 156 -7.39 11.14 -10.83
C ASP A 156 -6.65 12.35 -10.25
N GLN A 157 -6.95 12.64 -8.99
CA GLN A 157 -6.28 13.74 -8.31
C GLN A 157 -4.84 13.39 -7.93
N SER A 158 -4.00 14.40 -7.84
CA SER A 158 -2.63 14.21 -7.40
C SER A 158 -1.92 15.54 -7.34
N GLY A 159 -0.61 15.45 -7.06
CA GLY A 159 0.28 16.61 -7.14
C GLY A 159 0.61 17.29 -5.83
N LEU A 160 0.31 16.63 -4.71
CA LEU A 160 0.65 17.14 -3.36
C LEU A 160 1.96 16.55 -2.87
N GLY A 161 2.90 17.40 -2.52
CA GLY A 161 4.19 16.95 -1.98
C GLY A 161 4.20 16.56 -0.51
N LEU A 162 3.02 16.60 0.12
CA LEU A 162 2.82 15.99 1.43
C LEU A 162 1.93 14.74 1.28
N PRO A 163 2.02 13.81 2.26
CA PRO A 163 1.26 12.53 2.26
C PRO A 163 -0.28 12.59 2.24
N SER A 164 -0.84 13.77 2.50
CA SER A 164 -2.27 13.93 2.74
C SER A 164 -2.64 15.41 2.66
N ARG A 165 -3.77 15.64 2.01
CA ARG A 165 -4.40 16.95 1.87
C ARG A 165 -4.61 17.74 3.18
N ASP A 166 -4.73 17.04 4.31
CA ASP A 166 -5.03 17.70 5.63
C ASP A 166 -3.84 18.38 6.31
N TYR A 167 -2.61 17.96 5.96
CA TYR A 167 -1.40 18.64 6.42
C TYR A 167 -1.38 20.09 5.89
N TYR A 168 -1.97 20.31 4.73
CA TYR A 168 -2.03 21.64 4.14
C TYR A 168 -3.13 22.48 4.79
N LEU A 169 -4.16 21.79 5.28
CA LEU A 169 -5.42 22.41 5.68
C LEU A 169 -5.57 22.48 7.18
N ASN A 170 -5.45 21.33 7.85
CA ASN A 170 -5.48 21.32 9.31
C ASN A 170 -4.29 22.08 9.82
N LYS A 171 -3.10 21.56 9.55
CA LYS A 171 -1.87 21.98 10.21
C LYS A 171 -1.62 23.51 10.30
N THR A 172 -2.19 24.26 9.35
CA THR A 172 -2.16 25.74 9.38
C THR A 172 -2.37 26.27 10.78
N GLU A 173 -3.29 25.61 11.48
CA GLU A 173 -3.67 25.94 12.85
C GLU A 173 -3.15 24.91 13.85
N ASN A 174 -2.94 23.67 13.41
CA ASN A 174 -2.44 22.62 14.30
C ASN A 174 -1.02 22.09 13.97
N GLU A 175 -0.03 22.85 14.44
CA GLU A 175 1.42 22.57 14.27
C GLU A 175 1.92 22.70 12.82
N LYS A 176 3.05 23.40 12.66
CA LYS A 176 3.46 23.88 11.36
C LYS A 176 4.49 22.96 10.70
N VAL A 177 3.98 21.85 10.17
CA VAL A 177 4.72 21.05 9.19
C VAL A 177 4.84 21.92 7.92
N LEU A 178 4.10 23.02 7.87
CA LEU A 178 4.19 24.01 6.77
C LEU A 178 5.51 24.77 6.81
N THR A 179 5.94 25.12 8.02
CA THR A 179 7.25 25.74 8.26
C THR A 179 8.39 24.81 7.80
N GLY A 180 8.23 23.51 8.33
CA GLY A 180 9.16 22.45 7.97
C GLY A 180 9.19 22.06 6.49
N TYR A 181 8.06 22.22 5.78
CA TYR A 181 8.00 21.90 4.36
C TYR A 181 8.48 23.06 3.49
N LEU A 182 8.32 24.33 4.06
CA LEU A 182 8.76 25.48 3.25
C LEU A 182 10.27 25.51 3.36
N ASN A 183 10.79 25.41 4.59
CA ASN A 183 12.22 25.20 4.83
C ASN A 183 12.81 24.25 3.80
N TYR A 184 12.36 23.00 3.83
CA TYR A 184 12.86 21.96 2.95
C TYR A 184 12.85 22.40 1.50
N MET A 185 11.80 23.10 1.09
CA MET A 185 11.75 23.66 -0.26
C MET A 185 12.87 24.68 -0.47
N VAL A 186 13.02 25.56 0.52
CA VAL A 186 13.99 26.65 0.44
C VAL A 186 15.41 26.11 0.28
N GLN A 187 15.79 25.18 1.15
CA GLN A 187 17.13 24.61 1.15
C GLN A 187 17.42 23.86 -0.14
N LEU A 188 16.48 23.08 -0.66
CA LEU A 188 16.67 22.45 -1.97
C LEU A 188 16.73 23.51 -3.07
N GLY A 189 16.06 24.63 -2.87
CA GLY A 189 16.14 25.75 -3.80
C GLY A 189 17.55 26.30 -3.85
N LYS A 190 18.22 26.27 -2.70
CA LYS A 190 19.62 26.67 -2.60
C LYS A 190 20.50 25.68 -3.36
N LEU A 191 20.38 24.39 -3.01
CA LEU A 191 21.25 23.33 -3.53
C LEU A 191 21.29 23.28 -5.05
N LEU A 192 20.24 23.88 -5.66
CA LEU A 192 20.04 23.85 -7.09
C LEU A 192 20.18 25.25 -7.69
N GLY A 193 21.00 26.07 -7.05
CA GLY A 193 21.45 27.36 -7.60
C GLY A 193 20.52 28.54 -7.43
N GLY A 194 19.95 28.68 -6.23
CA GLY A 194 18.95 29.71 -5.96
C GLY A 194 19.46 30.92 -5.21
N GLY A 195 20.73 30.87 -4.81
CA GLY A 195 21.37 31.97 -4.11
C GLY A 195 20.61 32.51 -2.90
N ASP A 196 20.22 33.78 -2.99
CA ASP A 196 19.66 34.52 -1.85
C ASP A 196 18.30 33.99 -1.38
N GLU A 197 18.20 33.68 -0.08
CA GLU A 197 16.95 33.24 0.54
C GLU A 197 15.78 34.19 0.25
N GLU A 198 16.06 35.50 0.24
CA GLU A 198 15.05 36.52 -0.08
C GLU A 198 14.47 36.32 -1.47
N ALA A 199 15.25 35.67 -2.34
CA ALA A 199 14.83 35.36 -3.71
C ALA A 199 14.14 34.01 -3.80
N ILE A 200 14.58 33.03 -3.00
CA ILE A 200 13.96 31.68 -2.97
C ILE A 200 12.64 31.66 -2.18
N ARG A 201 12.69 32.16 -0.94
CA ARG A 201 11.54 32.16 -0.01
C ARG A 201 10.19 32.46 -0.69
N PRO A 202 10.08 33.63 -1.35
CA PRO A 202 8.83 34.00 -2.03
C PRO A 202 8.42 33.01 -3.10
N GLN A 203 9.34 32.70 -4.00
CA GLN A 203 9.06 31.76 -5.09
C GLN A 203 8.50 30.50 -4.50
N MET A 204 9.23 29.94 -3.55
CA MET A 204 8.92 28.63 -3.00
C MET A 204 7.62 28.65 -2.18
N GLN A 205 7.29 29.84 -1.67
CA GLN A 205 6.05 30.10 -0.94
C GLN A 205 4.86 30.05 -1.88
N GLN A 206 4.98 30.68 -3.05
CA GLN A 206 3.93 30.62 -4.05
C GLN A 206 3.62 29.20 -4.46
N ILE A 207 4.63 28.35 -4.53
CA ILE A 207 4.42 26.93 -4.86
C ILE A 207 3.61 26.29 -3.73
N LEU A 208 3.93 26.67 -2.50
CA LEU A 208 3.23 26.16 -1.33
C LEU A 208 1.76 26.55 -1.37
N ASP A 209 1.49 27.84 -1.60
CA ASP A 209 0.13 28.38 -1.78
C ASP A 209 -0.63 27.62 -2.82
N PHE A 210 -0.02 27.43 -3.99
CA PHE A 210 -0.64 26.66 -5.07
C PHE A 210 -0.89 25.22 -4.68
N GLU A 211 0.05 24.64 -3.93
CA GLU A 211 -0.06 23.26 -3.50
C GLU A 211 -1.22 23.06 -2.49
N THR A 212 -1.54 24.14 -1.79
CA THR A 212 -2.62 24.14 -0.82
C THR A 212 -3.99 24.26 -1.49
N ALA A 213 -4.08 25.08 -2.54
CA ALA A 213 -5.26 25.09 -3.42
C ALA A 213 -5.53 23.72 -4.06
N LEU A 214 -4.47 23.11 -4.58
CA LEU A 214 -4.51 21.73 -5.02
C LEU A 214 -5.24 20.89 -3.98
N ALA A 215 -4.80 21.05 -2.72
CA ALA A 215 -5.38 20.36 -1.57
C ALA A 215 -6.78 20.88 -1.19
N ASN A 216 -7.07 22.14 -1.49
CA ASN A 216 -8.41 22.72 -1.29
C ASN A 216 -9.44 22.14 -2.25
N ILE A 217 -9.02 21.99 -3.51
CA ILE A 217 -9.78 21.38 -4.60
C ILE A 217 -9.82 19.85 -4.47
N THR A 218 -8.85 19.27 -3.76
CA THR A 218 -8.74 17.82 -3.62
C THR A 218 -9.93 17.27 -2.81
N ILE A 219 -10.20 15.98 -2.93
CA ILE A 219 -11.40 15.39 -2.34
C ILE A 219 -11.02 14.47 -1.19
N PRO A 220 -11.64 14.69 -0.01
CA PRO A 220 -11.38 13.90 1.20
C PRO A 220 -11.70 12.43 0.98
N GLN A 221 -10.81 11.55 1.46
CA GLN A 221 -10.91 10.13 1.11
C GLN A 221 -12.21 9.46 1.59
N GLU A 222 -12.99 10.14 2.43
CA GLU A 222 -14.32 9.63 2.83
C GLU A 222 -15.32 9.78 1.66
N LYS A 223 -15.19 10.87 0.91
CA LYS A 223 -15.94 11.07 -0.34
C LYS A 223 -15.31 10.29 -1.51
N ARG A 224 -14.46 9.32 -1.21
CA ARG A 224 -13.79 8.50 -2.24
C ARG A 224 -13.72 7.02 -1.88
N ARG A 225 -14.67 6.54 -1.09
CA ARG A 225 -14.69 5.13 -0.75
C ARG A 225 -15.40 4.34 -1.83
N ASP A 226 -16.61 4.78 -2.16
CA ASP A 226 -17.56 3.98 -2.92
C ASP A 226 -17.39 4.16 -4.43
N GLU A 227 -16.86 3.13 -5.09
CA GLU A 227 -16.46 3.19 -6.50
C GLU A 227 -17.66 3.34 -7.40
N GLU A 228 -18.70 2.56 -7.17
CA GLU A 228 -19.95 2.73 -7.93
C GLU A 228 -20.34 4.21 -8.14
N LEU A 229 -20.16 5.03 -7.08
CA LEU A 229 -20.61 6.42 -7.10
C LEU A 229 -19.59 7.41 -7.65
N ILE A 230 -18.31 7.04 -7.64
CA ILE A 230 -17.24 7.92 -8.16
C ILE A 230 -16.65 7.48 -9.51
N TYR A 231 -16.97 6.28 -9.95
CA TYR A 231 -16.60 5.86 -11.31
C TYR A 231 -17.42 6.69 -12.33
N HIS A 232 -16.74 7.47 -13.15
CA HIS A 232 -17.38 8.20 -14.25
C HIS A 232 -16.57 8.04 -15.51
N LYS A 233 -17.13 7.35 -16.49
CA LYS A 233 -16.51 7.19 -17.77
C LYS A 233 -16.97 8.30 -18.70
N VAL A 234 -16.02 8.96 -19.33
CA VAL A 234 -16.29 9.98 -20.33
C VAL A 234 -15.44 9.71 -21.56
N THR A 235 -15.90 10.22 -22.71
CA THR A 235 -15.07 10.20 -23.93
C THR A 235 -14.01 11.27 -23.83
N ALA A 236 -12.98 11.18 -24.66
CA ALA A 236 -11.94 12.22 -24.72
C ALA A 236 -12.51 13.56 -25.22
N ALA A 237 -13.62 13.49 -25.96
CA ALA A 237 -14.36 14.70 -26.32
C ALA A 237 -15.11 15.29 -25.13
N GLU A 238 -15.72 14.44 -24.32
CA GLU A 238 -16.29 14.88 -23.04
C GLU A 238 -15.23 15.41 -22.06
N LEU A 239 -14.05 14.78 -22.01
CA LEU A 239 -13.00 15.27 -21.12
C LEU A 239 -12.54 16.67 -21.54
N GLN A 240 -12.55 16.94 -22.84
CA GLN A 240 -12.04 18.20 -23.40
C GLN A 240 -12.95 19.38 -23.06
N THR A 241 -14.27 19.16 -23.05
CA THR A 241 -15.22 20.20 -22.57
C THR A 241 -15.11 20.38 -21.04
N LEU A 242 -14.97 19.26 -20.34
CA LEU A 242 -14.91 19.17 -18.88
C LEU A 242 -13.70 19.93 -18.30
N ALA A 243 -12.54 19.71 -18.92
CA ALA A 243 -11.30 20.37 -18.52
C ALA A 243 -10.63 20.94 -19.78
N PRO A 244 -11.10 22.12 -20.22
CA PRO A 244 -10.55 22.72 -21.44
C PRO A 244 -9.08 23.17 -21.39
N ALA A 245 -8.50 23.32 -20.20
CA ALA A 245 -7.14 23.90 -20.08
C ALA A 245 -6.09 23.04 -20.78
N ILE A 246 -6.17 21.72 -20.60
CA ILE A 246 -5.34 20.78 -21.34
C ILE A 246 -6.00 20.51 -22.68
N ASN A 247 -5.16 20.43 -23.70
CA ASN A 247 -5.57 19.96 -25.01
C ASN A 247 -5.40 18.46 -24.98
N TRP A 248 -6.48 17.75 -24.63
CA TRP A 248 -6.37 16.33 -24.31
C TRP A 248 -5.97 15.38 -25.47
N LEU A 249 -6.57 15.47 -26.66
CA LEU A 249 -6.24 14.46 -27.69
C LEU A 249 -4.76 14.49 -28.05
N PRO A 250 -4.21 15.67 -28.26
CA PRO A 250 -2.77 15.77 -28.40
C PRO A 250 -2.01 15.22 -27.19
N PHE A 251 -2.43 15.55 -25.97
CA PHE A 251 -1.79 15.12 -24.73
C PHE A 251 -1.77 13.61 -24.61
N LEU A 252 -2.94 13.01 -24.74
CA LEU A 252 -3.08 11.57 -24.63
C LEU A 252 -2.27 10.89 -25.74
N ASN A 253 -2.43 11.36 -26.99
CA ASN A 253 -1.69 10.82 -28.13
C ASN A 253 -0.17 10.91 -27.94
N THR A 254 0.33 11.91 -27.20
CA THR A 254 1.78 11.90 -26.91
C THR A 254 2.24 11.00 -25.78
N ILE A 255 1.51 10.89 -24.68
CA ILE A 255 1.97 10.00 -23.56
C ILE A 255 1.56 8.55 -23.73
N PHE A 256 0.53 8.28 -24.55
CA PHE A 256 0.16 6.91 -24.88
C PHE A 256 0.63 6.44 -26.25
N TYR A 257 1.52 7.23 -26.87
CA TYR A 257 2.20 6.80 -28.07
C TYR A 257 2.84 5.48 -27.66
N PRO A 258 2.87 4.49 -28.56
CA PRO A 258 2.50 4.48 -29.98
C PRO A 258 1.04 4.19 -30.27
N VAL A 259 0.15 4.34 -29.27
CA VAL A 259 -1.27 4.11 -29.49
C VAL A 259 -1.92 5.40 -29.91
N GLU A 260 -2.81 5.29 -30.91
CA GLU A 260 -3.60 6.43 -31.35
C GLU A 260 -4.88 6.61 -30.52
N ILE A 261 -5.13 7.86 -30.16
CA ILE A 261 -6.29 8.24 -29.38
C ILE A 261 -7.14 9.17 -30.21
N ASN A 262 -8.39 8.78 -30.43
CA ASN A 262 -9.38 9.68 -31.05
C ASN A 262 -10.48 10.10 -30.07
N GLU A 263 -11.35 10.99 -30.50
CA GLU A 263 -12.34 11.61 -29.62
C GLU A 263 -13.19 10.60 -28.87
N SER A 264 -13.31 9.39 -29.38
CA SER A 264 -14.11 8.37 -28.69
C SER A 264 -13.34 7.57 -27.64
N GLU A 265 -12.09 7.91 -27.34
CA GLU A 265 -11.38 7.19 -26.27
C GLU A 265 -12.19 7.23 -24.98
N PRO A 266 -12.36 6.08 -24.34
CA PRO A 266 -12.89 6.05 -22.97
C PRO A 266 -11.87 6.48 -21.91
N ILE A 267 -12.30 7.36 -21.01
CA ILE A 267 -11.47 7.78 -19.88
C ILE A 267 -12.27 7.75 -18.58
N VAL A 268 -11.81 6.94 -17.64
CA VAL A 268 -12.41 6.91 -16.31
C VAL A 268 -11.90 8.09 -15.48
N VAL A 269 -12.84 8.86 -14.95
CA VAL A 269 -12.57 10.08 -14.22
C VAL A 269 -13.23 9.92 -12.88
N TYR A 270 -12.49 10.15 -11.80
CA TYR A 270 -13.06 9.85 -10.47
C TYR A 270 -13.75 11.07 -9.84
N ASP A 271 -13.37 12.26 -10.27
CA ASP A 271 -14.10 13.47 -9.91
C ASP A 271 -14.13 14.52 -11.02
N LYS A 272 -15.31 14.65 -11.62
CA LYS A 272 -15.56 15.62 -12.65
C LYS A 272 -15.32 17.08 -12.21
N GLU A 273 -15.82 17.48 -11.05
CA GLU A 273 -15.68 18.88 -10.63
C GLU A 273 -14.23 19.24 -10.27
N TYR A 274 -13.50 18.29 -9.70
CA TYR A 274 -12.07 18.45 -9.50
C TYR A 274 -11.39 18.85 -10.82
N LEU A 275 -11.52 18.00 -11.83
CA LEU A 275 -10.86 18.25 -13.12
C LEU A 275 -11.31 19.55 -13.75
N GLU A 276 -12.59 19.89 -13.60
CA GLU A 276 -13.07 21.21 -13.99
C GLU A 276 -12.31 22.28 -13.21
N GLN A 277 -12.21 22.07 -11.90
CA GLN A 277 -11.53 22.99 -10.99
C GLN A 277 -10.02 23.10 -11.26
N ILE A 278 -9.37 22.00 -11.62
CA ILE A 278 -7.99 22.02 -12.14
C ILE A 278 -7.85 22.94 -13.34
N SER A 279 -8.69 22.72 -14.35
CA SER A 279 -8.60 23.46 -15.61
C SER A 279 -8.67 24.97 -15.39
N THR A 280 -9.62 25.39 -14.57
CA THR A 280 -9.80 26.80 -14.25
C THR A 280 -8.56 27.31 -13.52
N LEU A 281 -8.09 26.51 -12.57
CA LEU A 281 -6.85 26.75 -11.82
C LEU A 281 -5.60 26.81 -12.72
N ILE A 282 -5.59 26.03 -13.80
CA ILE A 282 -4.48 26.08 -14.75
C ILE A 282 -4.58 27.34 -15.58
N ASN A 283 -5.72 27.52 -16.25
CA ASN A 283 -5.95 28.70 -17.11
C ASN A 283 -5.87 30.03 -16.34
N THR A 284 -6.00 29.99 -15.02
CA THR A 284 -6.06 31.24 -14.28
C THR A 284 -4.68 31.68 -13.77
N THR A 285 -3.75 30.76 -13.54
CA THR A 285 -2.47 31.14 -12.93
C THR A 285 -1.40 31.40 -13.98
N ASP A 286 -0.45 32.25 -13.61
CA ASP A 286 0.63 32.61 -14.52
C ASP A 286 1.50 31.38 -14.77
N ARG A 287 2.28 31.44 -15.86
CA ARG A 287 2.98 30.27 -16.37
C ARG A 287 4.26 29.96 -15.58
N CYS A 288 5.01 30.97 -15.14
CA CYS A 288 6.27 30.71 -14.41
C CYS A 288 5.94 29.87 -13.21
N LEU A 289 4.96 30.34 -12.46
CA LEU A 289 4.44 29.57 -11.35
C LEU A 289 4.05 28.16 -11.80
N LEU A 290 3.34 28.05 -12.93
CA LEU A 290 2.95 26.72 -13.42
C LEU A 290 4.19 25.86 -13.66
N ASN A 291 5.19 26.47 -14.26
CA ASN A 291 6.49 25.86 -14.49
C ASN A 291 7.24 25.52 -13.19
N ASN A 292 7.30 26.49 -12.29
CA ASN A 292 7.98 26.25 -11.01
C ASN A 292 7.35 25.13 -10.22
N TYR A 293 6.02 25.09 -10.22
CA TYR A 293 5.30 23.97 -9.62
C TYR A 293 5.73 22.65 -10.23
N MET A 294 5.75 22.60 -11.57
CA MET A 294 6.02 21.34 -12.27
C MET A 294 7.42 20.82 -11.96
N ILE A 295 8.41 21.73 -11.95
CA ILE A 295 9.78 21.37 -11.62
C ILE A 295 9.88 20.91 -10.18
N TRP A 296 9.29 21.66 -9.27
CA TRP A 296 9.21 21.22 -7.88
C TRP A 296 8.75 19.77 -7.75
N ASN A 297 7.69 19.40 -8.44
CA ASN A 297 7.27 18.00 -8.45
C ASN A 297 8.40 17.10 -8.89
N LEU A 298 9.03 17.48 -10.00
CA LEU A 298 10.23 16.79 -10.53
C LEU A 298 11.31 16.67 -9.47
N VAL A 299 11.52 17.73 -8.71
CA VAL A 299 12.58 17.68 -7.71
C VAL A 299 12.17 16.76 -6.57
N ARG A 300 10.92 16.79 -6.15
CA ARG A 300 10.47 15.86 -5.10
C ARG A 300 10.63 14.37 -5.50
N LYS A 301 10.32 14.04 -6.74
CA LYS A 301 10.58 12.71 -7.31
C LYS A 301 12.08 12.32 -7.41
N THR A 302 12.98 13.31 -7.45
CA THR A 302 14.32 13.09 -8.01
C THR A 302 15.50 13.32 -7.05
N SER A 303 15.32 14.23 -6.09
CA SER A 303 16.33 14.62 -5.13
C SER A 303 17.02 13.46 -4.38
N SER A 304 16.26 12.40 -4.12
CA SER A 304 16.80 11.17 -3.49
C SER A 304 18.06 10.60 -4.19
N PHE A 305 18.22 10.90 -5.48
CA PHE A 305 19.28 10.32 -6.31
C PHE A 305 20.53 11.21 -6.41
N LEU A 306 20.52 12.36 -5.74
CA LEU A 306 21.64 13.30 -5.71
C LEU A 306 22.50 13.02 -4.48
N ASP A 307 23.28 14.02 -4.06
CA ASP A 307 24.29 13.82 -3.01
C ASP A 307 23.74 13.90 -1.59
N GLN A 308 24.66 13.77 -0.61
CA GLN A 308 24.36 13.75 0.83
C GLN A 308 23.92 15.11 1.46
N ARG A 309 23.99 16.21 0.62
CA ARG A 309 23.37 17.47 1.06
C ARG A 309 21.85 17.34 1.00
N PHE A 310 21.36 16.51 0.06
CA PHE A 310 19.93 16.34 -0.16
C PHE A 310 19.35 15.32 0.82
N GLN A 311 19.98 14.15 0.90
CA GLN A 311 19.61 13.13 1.87
C GLN A 311 19.36 13.72 3.25
N ASP A 312 20.31 14.54 3.68
CA ASP A 312 20.17 15.34 4.89
C ASP A 312 18.85 16.11 4.88
N ALA A 313 18.57 16.82 3.78
CA ALA A 313 17.29 17.52 3.63
C ALA A 313 16.08 16.57 3.79
N ASP A 314 16.16 15.40 3.14
CA ASP A 314 15.06 14.41 3.18
C ASP A 314 14.92 13.82 4.59
N GLU A 315 16.07 13.55 5.22
CA GLU A 315 16.11 12.97 6.56
C GLU A 315 15.49 13.94 7.55
N LYS A 316 16.01 15.17 7.56
CA LYS A 316 15.54 16.23 8.45
C LYS A 316 14.02 16.36 8.40
N PHE A 317 13.48 16.49 7.20
CA PHE A 317 12.05 16.69 7.05
C PHE A 317 11.24 15.49 7.56
N MET A 318 11.71 14.28 7.28
CA MET A 318 11.06 13.05 7.71
C MET A 318 11.12 12.85 9.23
N GLU A 319 12.05 13.53 9.92
CA GLU A 319 12.01 13.61 11.39
C GLU A 319 10.91 14.57 11.86
N VAL A 320 10.42 15.41 10.94
CA VAL A 320 9.26 16.27 11.17
C VAL A 320 7.97 15.63 10.60
N MET A 321 8.11 14.78 9.59
CA MET A 321 6.96 14.08 9.03
C MET A 321 6.67 12.81 9.83
N TRP A 332 24.04 2.18 5.05
CA TRP A 332 23.49 2.85 3.87
C TRP A 332 22.65 1.88 3.05
N LYS A 333 21.76 1.17 3.76
CA LYS A 333 20.71 0.29 3.20
C LYS A 333 19.84 1.01 2.20
N PHE A 334 19.74 2.32 2.38
CA PHE A 334 19.10 3.25 1.45
C PHE A 334 18.68 2.66 0.13
N CYS A 335 19.63 2.17 -0.66
CA CYS A 335 19.27 1.79 -2.01
C CYS A 335 19.14 0.28 -2.27
N VAL A 336 19.21 -0.54 -1.24
CA VAL A 336 18.59 -1.87 -1.28
C VAL A 336 17.07 -1.68 -1.34
N SER A 337 16.58 -0.69 -0.61
CA SER A 337 15.19 -0.30 -0.71
C SER A 337 14.91 0.12 -2.16
N ASP A 338 15.61 1.17 -2.61
CA ASP A 338 15.39 1.74 -3.95
C ASP A 338 15.35 0.65 -5.02
N THR A 339 16.33 -0.25 -4.96
CA THR A 339 16.44 -1.33 -5.94
C THR A 339 15.20 -2.27 -5.88
N GLU A 340 14.77 -2.62 -4.67
CA GLU A 340 13.57 -3.42 -4.51
C GLU A 340 12.41 -2.63 -5.05
N ASN A 341 12.29 -1.39 -4.62
CA ASN A 341 11.19 -0.54 -5.06
C ASN A 341 10.96 -0.63 -6.58
N ASN A 342 12.03 -0.35 -7.32
CA ASN A 342 11.94 -0.23 -8.77
C ASN A 342 12.11 -1.55 -9.53
N LEU A 343 13.02 -2.38 -9.04
CA LEU A 343 13.45 -3.58 -9.76
C LEU A 343 13.16 -4.82 -8.94
N GLY A 344 12.13 -4.73 -8.10
CA GLY A 344 11.72 -5.82 -7.22
C GLY A 344 11.37 -7.11 -7.92
N PHE A 345 10.75 -7.05 -9.08
CA PHE A 345 10.52 -8.28 -9.81
C PHE A 345 11.85 -8.78 -10.40
N ALA A 346 12.76 -7.86 -10.67
CA ALA A 346 14.13 -8.25 -11.06
C ALA A 346 14.83 -9.08 -10.00
N LEU A 347 14.60 -8.80 -8.71
CA LEU A 347 15.25 -9.50 -7.59
C LEU A 347 14.52 -10.73 -7.12
N GLY A 348 13.27 -10.87 -7.54
CA GLY A 348 12.38 -11.89 -7.00
C GLY A 348 13.01 -13.26 -7.02
N PRO A 349 13.42 -13.72 -8.20
CA PRO A 349 14.02 -15.04 -8.29
C PRO A 349 15.10 -15.21 -7.26
N MET A 350 16.02 -14.25 -7.16
CA MET A 350 17.09 -14.29 -6.15
C MET A 350 16.41 -14.44 -4.82
N PHE A 351 15.45 -13.55 -4.55
CA PHE A 351 14.82 -13.50 -3.25
C PHE A 351 14.21 -14.83 -2.86
N VAL A 352 13.49 -15.48 -3.77
CA VAL A 352 12.77 -16.67 -3.33
C VAL A 352 13.64 -17.93 -3.35
N LYS A 353 14.65 -17.99 -4.23
CA LYS A 353 15.67 -19.06 -4.14
C LYS A 353 16.23 -19.12 -2.71
N ALA A 354 16.60 -17.95 -2.18
CA ALA A 354 17.17 -17.81 -0.85
C ALA A 354 16.18 -18.10 0.30
N THR A 355 14.97 -17.54 0.20
CA THR A 355 14.07 -17.46 1.34
C THR A 355 12.88 -18.44 1.33
N PHE A 356 12.58 -19.00 0.17
CA PHE A 356 11.31 -19.70 -0.04
C PHE A 356 11.47 -21.15 -0.49
N ALA A 357 11.41 -22.07 0.48
CA ALA A 357 11.21 -23.48 0.17
C ALA A 357 9.98 -23.60 -0.76
N GLU A 358 10.07 -24.43 -1.80
CA GLU A 358 8.93 -24.66 -2.69
C GLU A 358 7.91 -25.45 -1.94
N ASP A 359 8.42 -26.27 -0.99
CA ASP A 359 7.54 -26.82 0.01
C ASP A 359 6.51 -25.76 0.46
N SER A 360 7.02 -24.53 0.69
CA SER A 360 6.24 -23.49 1.33
C SER A 360 5.04 -23.13 0.53
N LYS A 361 5.19 -23.19 -0.79
CA LYS A 361 4.13 -22.83 -1.72
C LYS A 361 2.98 -23.84 -1.62
N SER A 362 3.35 -25.11 -1.58
CA SER A 362 2.41 -26.22 -1.53
C SER A 362 1.61 -26.16 -0.21
N ILE A 363 2.31 -25.92 0.90
CA ILE A 363 1.68 -25.88 2.19
C ILE A 363 0.78 -24.66 2.27
N ALA A 364 1.28 -23.53 1.77
CA ALA A 364 0.50 -22.30 1.76
C ALA A 364 -0.74 -22.47 0.89
N THR A 365 -0.62 -23.28 -0.15
CA THR A 365 -1.75 -23.58 -0.99
C THR A 365 -2.79 -24.44 -0.26
N GLU A 366 -2.37 -25.41 0.55
CA GLU A 366 -3.33 -26.20 1.33
C GLU A 366 -4.01 -25.32 2.39
N ILE A 367 -3.25 -24.46 3.06
CA ILE A 367 -3.78 -23.51 4.05
C ILE A 367 -4.80 -22.55 3.43
N ILE A 368 -4.55 -22.10 2.21
CA ILE A 368 -5.54 -21.26 1.55
C ILE A 368 -6.83 -22.05 1.28
N LEU A 369 -6.72 -23.25 0.70
CA LEU A 369 -7.90 -24.10 0.53
C LEU A 369 -8.68 -24.17 1.84
N GLU A 370 -7.99 -24.40 2.94
CA GLU A 370 -8.66 -24.65 4.19
C GLU A 370 -9.41 -23.43 4.76
N ILE A 371 -8.86 -22.25 4.52
CA ILE A 371 -9.45 -20.97 4.93
C ILE A 371 -10.67 -20.64 4.05
N LYS A 372 -10.52 -20.76 2.73
CA LYS A 372 -11.68 -20.70 1.81
C LYS A 372 -12.79 -21.64 2.28
N LYS A 373 -12.44 -22.90 2.53
CA LYS A 373 -13.40 -23.87 2.98
C LYS A 373 -14.20 -23.28 4.13
N ALA A 374 -13.50 -22.89 5.19
CA ALA A 374 -14.15 -22.35 6.38
C ALA A 374 -14.96 -21.07 6.11
N PHE A 375 -14.41 -20.16 5.33
CA PHE A 375 -15.11 -18.97 4.90
C PHE A 375 -16.43 -19.34 4.23
N GLU A 376 -16.35 -20.28 3.30
CA GLU A 376 -17.53 -20.73 2.62
C GLU A 376 -18.55 -21.39 3.55
N GLU A 377 -18.09 -22.16 4.53
CA GLU A 377 -18.98 -22.74 5.50
C GLU A 377 -19.68 -21.66 6.34
N SER A 378 -18.98 -20.56 6.65
CA SER A 378 -19.67 -19.41 7.23
C SER A 378 -20.65 -18.77 6.23
N LEU A 379 -20.30 -18.68 4.95
CA LEU A 379 -21.22 -18.13 3.97
C LEU A 379 -22.54 -18.90 3.91
N SER A 380 -22.46 -20.20 4.16
CA SER A 380 -23.59 -21.09 4.01
C SER A 380 -24.57 -20.94 5.12
N THR A 381 -24.08 -20.37 6.20
CA THR A 381 -24.71 -20.37 7.48
C THR A 381 -25.16 -18.97 7.94
N LEU A 382 -24.86 -17.95 7.15
CA LEU A 382 -25.08 -16.52 7.51
C LEU A 382 -26.54 -16.13 7.49
N LYS A 383 -27.04 -15.64 8.61
CA LYS A 383 -28.47 -15.51 8.80
C LYS A 383 -29.08 -14.31 8.11
N TRP A 384 -28.25 -13.31 7.83
CA TRP A 384 -28.71 -12.06 7.26
C TRP A 384 -28.92 -12.17 5.75
N MET A 385 -28.38 -13.17 5.10
CA MET A 385 -28.62 -13.36 3.66
C MET A 385 -29.70 -14.37 3.35
N ASP A 386 -30.57 -14.11 2.39
CA ASP A 386 -31.34 -15.22 1.83
C ASP A 386 -30.42 -16.24 1.11
N GLU A 387 -30.97 -17.42 0.84
CA GLU A 387 -30.18 -18.54 0.30
C GLU A 387 -29.65 -18.26 -1.09
N GLU A 388 -30.44 -17.52 -1.85
CA GLU A 388 -30.10 -17.10 -3.18
C GLU A 388 -28.86 -16.22 -3.14
N THR A 389 -28.85 -15.21 -2.27
CA THR A 389 -27.63 -14.40 -2.07
C THR A 389 -26.46 -15.24 -1.58
N ARG A 390 -26.67 -16.15 -0.62
CA ARG A 390 -25.57 -17.05 -0.21
C ARG A 390 -24.99 -17.88 -1.38
N LYS A 391 -25.85 -18.28 -2.31
CA LYS A 391 -25.42 -19.02 -3.51
C LYS A 391 -24.51 -18.18 -4.43
N SER A 392 -24.85 -16.92 -4.65
CA SER A 392 -24.01 -16.03 -5.48
C SER A 392 -22.65 -15.78 -4.84
N ALA A 393 -22.68 -15.49 -3.55
CA ALA A 393 -21.47 -15.28 -2.78
C ALA A 393 -20.50 -16.46 -2.83
N LYS A 394 -21.00 -17.69 -2.60
CA LYS A 394 -20.16 -18.91 -2.75
C LYS A 394 -19.58 -18.97 -4.12
N GLU A 395 -20.41 -18.67 -5.13
CA GLU A 395 -19.97 -18.66 -6.48
C GLU A 395 -18.81 -17.72 -6.71
N LYS A 396 -18.83 -16.52 -6.13
CA LYS A 396 -17.69 -15.59 -6.23
C LYS A 396 -16.52 -16.05 -5.36
N ALA A 397 -16.81 -16.56 -4.16
CA ALA A 397 -15.78 -17.19 -3.37
C ALA A 397 -15.10 -18.26 -4.21
N ASP A 398 -15.83 -19.27 -4.68
CA ASP A 398 -15.25 -20.34 -5.54
C ASP A 398 -14.30 -19.87 -6.65
N ALA A 399 -14.61 -18.71 -7.24
CA ALA A 399 -13.85 -18.13 -8.34
C ALA A 399 -12.67 -17.24 -7.91
N ILE A 400 -12.51 -16.98 -6.63
CA ILE A 400 -11.34 -16.22 -6.20
C ILE A 400 -10.06 -16.93 -6.67
N TYR A 401 -9.20 -16.21 -7.38
CA TYR A 401 -7.88 -16.75 -7.79
C TYR A 401 -6.82 -16.37 -6.78
N ASN A 402 -5.90 -17.28 -6.45
CA ASN A 402 -4.78 -16.92 -5.57
C ASN A 402 -3.42 -17.10 -6.17
N MET A 403 -2.52 -16.17 -5.85
CA MET A 403 -1.10 -16.36 -6.12
C MET A 403 -0.27 -16.39 -4.82
N ILE A 404 0.76 -17.24 -4.83
CA ILE A 404 1.64 -17.49 -3.68
C ILE A 404 3.08 -17.20 -4.07
N GLY A 405 3.75 -16.39 -3.27
CA GLY A 405 5.20 -16.26 -3.35
C GLY A 405 5.66 -15.25 -4.38
N TYR A 406 5.39 -15.57 -5.64
CA TYR A 406 5.91 -14.87 -6.80
C TYR A 406 4.94 -15.08 -7.96
N PRO A 407 4.99 -14.18 -8.95
CA PRO A 407 4.29 -14.45 -10.21
C PRO A 407 5.06 -15.45 -11.05
N ASN A 408 4.36 -16.30 -11.79
CA ASN A 408 5.02 -17.34 -12.56
C ASN A 408 6.11 -16.83 -13.49
N PHE A 409 5.82 -15.71 -14.17
CA PHE A 409 6.68 -15.27 -15.26
C PHE A 409 8.08 -14.94 -14.78
N ILE A 410 8.27 -14.65 -13.49
CA ILE A 410 9.59 -14.24 -13.00
C ILE A 410 10.55 -15.41 -12.80
N MET A 411 9.99 -16.62 -12.70
CA MET A 411 10.79 -17.82 -12.56
C MET A 411 11.12 -18.45 -13.91
N ASP A 412 10.70 -17.77 -15.00
CA ASP A 412 11.13 -18.08 -16.35
C ASP A 412 11.99 -16.93 -16.89
N PRO A 413 13.33 -17.10 -16.87
CA PRO A 413 14.23 -16.02 -17.22
C PRO A 413 13.96 -15.44 -18.62
N LYS A 414 13.57 -16.28 -19.57
CA LYS A 414 13.14 -15.81 -20.89
C LYS A 414 12.06 -14.76 -20.71
N GLU A 415 11.03 -15.05 -19.91
CA GLU A 415 9.92 -14.10 -19.71
C GLU A 415 10.31 -12.89 -18.86
N LEU A 416 11.03 -13.12 -17.74
CA LEU A 416 11.42 -11.99 -16.90
C LEU A 416 12.38 -11.00 -17.61
N ASP A 417 13.29 -11.53 -18.44
CA ASP A 417 14.26 -10.73 -19.19
C ASP A 417 13.61 -9.90 -20.28
N LYS A 418 12.56 -10.47 -20.87
CA LYS A 418 11.70 -9.81 -21.87
C LYS A 418 11.08 -8.55 -21.23
N VAL A 419 10.46 -8.73 -20.06
CA VAL A 419 9.86 -7.61 -19.35
C VAL A 419 10.86 -6.50 -19.06
N PHE A 420 12.09 -6.84 -18.73
CA PHE A 420 13.08 -5.82 -18.36
C PHE A 420 14.07 -5.43 -19.47
N ASN A 421 13.91 -5.99 -20.66
CA ASN A 421 14.81 -5.79 -21.81
C ASN A 421 15.06 -4.32 -22.20
N ASP A 422 14.02 -3.51 -22.09
CA ASP A 422 14.14 -2.09 -22.41
C ASP A 422 14.63 -1.22 -21.27
N TYR A 423 14.97 -1.81 -20.12
CA TYR A 423 15.63 -1.06 -19.08
C TYR A 423 17.13 -1.33 -19.14
N THR A 424 17.91 -0.25 -19.07
CA THR A 424 19.36 -0.40 -19.10
C THR A 424 19.99 0.35 -17.94
N ALA A 425 20.81 -0.37 -17.18
CA ALA A 425 21.44 0.18 -16.01
C ALA A 425 22.91 0.36 -16.35
N VAL A 426 23.46 1.50 -15.92
CA VAL A 426 24.82 1.90 -16.29
C VAL A 426 25.64 1.88 -15.02
N PRO A 427 26.90 1.44 -15.11
CA PRO A 427 27.71 1.47 -13.90
C PRO A 427 28.09 2.90 -13.52
N ASP A 428 27.85 3.26 -12.26
CA ASP A 428 28.27 4.55 -11.68
C ASP A 428 27.38 5.74 -12.03
N LEU A 429 26.25 5.50 -12.71
CA LEU A 429 25.36 6.60 -13.08
C LEU A 429 23.99 6.37 -12.47
N TYR A 430 23.93 6.56 -11.16
CA TYR A 430 22.74 6.27 -10.35
C TYR A 430 21.54 7.13 -10.72
N PHE A 431 21.75 8.44 -10.86
CA PHE A 431 20.68 9.37 -11.23
C PHE A 431 20.18 9.08 -12.64
N GLU A 432 21.08 8.83 -13.59
CA GLU A 432 20.69 8.54 -14.97
C GLU A 432 19.92 7.22 -14.99
N ASN A 433 20.39 6.26 -14.20
CA ASN A 433 19.74 4.96 -14.03
C ASN A 433 18.29 5.06 -13.54
N ALA A 434 18.07 5.92 -12.55
CA ALA A 434 16.75 6.17 -11.99
C ALA A 434 15.81 6.74 -13.04
N MET A 435 16.22 7.82 -13.67
CA MET A 435 15.43 8.48 -14.69
C MET A 435 15.09 7.52 -15.81
N ARG A 436 16.08 6.70 -16.16
CA ARG A 436 15.89 5.74 -17.23
C ARG A 436 14.81 4.79 -16.80
N PHE A 437 14.83 4.40 -15.52
CA PHE A 437 13.80 3.53 -14.99
C PHE A 437 12.44 4.21 -15.00
N PHE A 438 12.39 5.50 -14.64
CA PHE A 438 11.11 6.22 -14.60
C PHE A 438 10.46 6.22 -15.97
N ASN A 439 11.22 6.57 -16.98
CA ASN A 439 10.75 6.50 -18.37
C ASN A 439 10.33 5.09 -18.80
N PHE A 440 11.10 4.08 -18.39
CA PHE A 440 10.79 2.68 -18.68
C PHE A 440 9.47 2.26 -18.04
N SER A 441 9.25 2.75 -16.84
CA SER A 441 8.13 2.33 -16.01
C SER A 441 6.84 2.92 -16.55
N TRP A 442 6.93 4.17 -16.96
CA TRP A 442 5.85 4.83 -17.64
C TRP A 442 5.45 4.06 -18.92
N ARG A 443 6.45 3.67 -19.72
CA ARG A 443 6.21 2.93 -20.97
C ARG A 443 5.59 1.54 -20.74
N VAL A 444 5.83 0.90 -19.61
CA VAL A 444 5.23 -0.40 -19.30
C VAL A 444 3.73 -0.22 -19.09
N THR A 445 3.35 0.88 -18.42
CA THR A 445 1.95 1.14 -18.13
C THR A 445 1.26 1.57 -19.41
N ALA A 446 1.86 2.53 -20.12
CA ALA A 446 1.31 2.94 -21.41
C ALA A 446 1.05 1.76 -22.36
N ASP A 447 1.99 0.81 -22.40
CA ASP A 447 1.93 -0.36 -23.29
C ASP A 447 0.81 -1.35 -22.94
N GLN A 448 0.21 -1.18 -21.76
CA GLN A 448 -0.89 -2.02 -21.35
C GLN A 448 -2.25 -1.53 -21.86
N LEU A 449 -2.31 -0.33 -22.39
CA LEU A 449 -3.57 0.26 -22.80
C LEU A 449 -4.43 -0.68 -23.65
N ARG A 450 -3.84 -1.30 -24.67
CA ARG A 450 -4.60 -2.15 -25.58
C ARG A 450 -4.39 -3.64 -25.35
N LYS A 451 -3.80 -3.99 -24.21
CA LYS A 451 -3.67 -5.38 -23.79
C LYS A 451 -4.74 -5.76 -22.75
N ALA A 452 -4.99 -7.05 -22.57
CA ALA A 452 -5.83 -7.58 -21.46
C ALA A 452 -5.09 -7.62 -20.09
N PRO A 453 -5.76 -7.18 -19.00
CA PRO A 453 -5.18 -7.44 -17.70
C PRO A 453 -5.06 -8.94 -17.49
N ASN A 454 -4.02 -9.37 -16.80
CA ASN A 454 -4.04 -10.72 -16.32
C ASN A 454 -3.60 -10.83 -14.86
N ARG A 455 -3.89 -11.99 -14.32
CA ARG A 455 -3.73 -12.28 -12.92
C ARG A 455 -2.28 -12.56 -12.54
N ASP A 456 -1.46 -12.89 -13.54
CA ASP A 456 -0.03 -13.09 -13.30
C ASP A 456 0.72 -11.81 -13.14
N GLN A 457 0.03 -10.68 -13.17
CA GLN A 457 0.67 -9.39 -12.99
C GLN A 457 0.32 -8.84 -11.62
N TRP A 458 1.32 -8.54 -10.80
CA TRP A 458 1.13 -8.17 -9.39
C TRP A 458 1.35 -6.73 -9.20
N SER A 459 0.62 -6.13 -8.26
CA SER A 459 0.94 -4.79 -7.83
C SER A 459 1.78 -4.81 -6.51
N MET A 460 2.52 -5.90 -6.30
CA MET A 460 3.41 -6.08 -5.17
C MET A 460 4.51 -7.05 -5.62
N THR A 461 5.75 -6.76 -5.24
CA THR A 461 6.87 -7.67 -5.59
C THR A 461 7.06 -8.75 -4.54
N PRO A 462 7.70 -9.85 -4.91
CA PRO A 462 7.83 -10.95 -3.96
C PRO A 462 8.49 -10.69 -2.57
N PRO A 463 9.35 -9.67 -2.43
CA PRO A 463 10.01 -9.58 -1.14
C PRO A 463 9.21 -8.72 -0.18
N MET A 464 8.05 -8.25 -0.61
CA MET A 464 7.24 -7.36 0.22
C MET A 464 6.59 -8.10 1.41
N VAL A 465 6.48 -7.41 2.55
CA VAL A 465 5.84 -7.97 3.77
C VAL A 465 4.42 -7.43 3.91
N ASN A 466 3.56 -7.98 3.08
CA ASN A 466 2.21 -7.43 2.92
C ASN A 466 1.36 -8.35 2.07
N ALA A 467 0.12 -7.99 1.80
CA ALA A 467 -0.77 -8.86 1.02
C ALA A 467 -1.96 -8.07 0.54
N TYR A 468 -2.65 -8.59 -0.47
CA TYR A 468 -3.75 -7.80 -1.04
C TYR A 468 -4.82 -8.59 -1.77
N TYR A 469 -5.92 -7.90 -2.04
CA TYR A 469 -6.98 -8.49 -2.89
C TYR A 469 -7.22 -7.54 -4.02
N SER A 470 -7.40 -8.05 -5.24
CA SER A 470 -7.93 -7.18 -6.34
C SER A 470 -9.37 -7.48 -6.67
N PRO A 471 -10.21 -6.46 -6.60
CA PRO A 471 -11.59 -6.64 -7.04
C PRO A 471 -11.76 -6.87 -8.55
N THR A 472 -10.88 -6.30 -9.37
CA THR A 472 -11.01 -6.49 -10.85
C THR A 472 -10.46 -7.81 -11.36
N LYS A 473 -9.50 -8.40 -10.66
CA LYS A 473 -9.04 -9.73 -11.01
C LYS A 473 -9.66 -10.78 -10.12
N ASN A 474 -10.46 -10.35 -9.16
CA ASN A 474 -10.95 -11.21 -8.14
C ASN A 474 -9.86 -12.13 -7.67
N GLU A 475 -8.78 -11.55 -7.19
CA GLU A 475 -7.61 -12.38 -6.88
C GLU A 475 -7.02 -11.99 -5.52
N ILE A 476 -6.60 -12.99 -4.76
CA ILE A 476 -5.85 -12.77 -3.53
C ILE A 476 -4.40 -13.09 -3.74
N VAL A 477 -3.53 -12.19 -3.27
CA VAL A 477 -2.07 -12.33 -3.48
C VAL A 477 -1.24 -12.30 -2.19
N PHE A 478 -0.39 -13.30 -2.03
CA PHE A 478 0.56 -13.38 -0.90
C PHE A 478 2.08 -13.47 -1.33
N PRO A 479 2.77 -12.31 -1.39
CA PRO A 479 4.23 -12.26 -1.58
C PRO A 479 5.01 -13.14 -0.59
N ALA A 480 5.98 -13.88 -1.12
CA ALA A 480 6.87 -14.74 -0.31
C ALA A 480 7.44 -14.01 0.91
N GLY A 481 7.61 -12.70 0.82
CA GLY A 481 8.05 -11.90 1.96
C GLY A 481 7.22 -11.89 3.26
N ILE A 482 5.95 -12.31 3.20
CA ILE A 482 5.10 -12.37 4.39
C ILE A 482 4.84 -13.80 4.76
N LEU A 483 5.22 -14.72 3.88
CA LEU A 483 5.10 -16.12 4.18
C LEU A 483 6.30 -16.49 5.05
N GLN A 484 6.55 -15.62 6.04
CA GLN A 484 7.62 -15.79 7.01
C GLN A 484 7.12 -15.59 8.44
N ALA A 485 7.95 -16.00 9.41
CA ALA A 485 7.65 -15.82 10.84
C ALA A 485 7.46 -14.36 11.14
N PRO A 486 6.42 -14.01 11.93
CA PRO A 486 5.53 -14.87 12.73
C PRO A 486 4.33 -15.47 11.98
N PHE A 487 4.05 -14.98 10.79
CA PHE A 487 2.92 -15.47 9.98
C PHE A 487 3.02 -16.95 9.67
N TYR A 488 4.12 -17.37 9.10
CA TYR A 488 4.29 -18.79 8.81
C TYR A 488 5.69 -19.31 9.16
N THR A 489 5.71 -20.57 9.61
CA THR A 489 6.91 -21.34 9.84
C THR A 489 6.48 -22.77 9.93
N ARG A 490 7.06 -23.64 9.13
CA ARG A 490 6.48 -24.97 8.94
C ARG A 490 6.66 -25.89 10.12
N SER A 491 7.59 -25.55 11.01
CA SER A 491 7.77 -26.30 12.25
C SER A 491 6.79 -25.82 13.31
N SER A 492 6.21 -24.65 13.08
CA SER A 492 5.42 -23.97 14.09
C SER A 492 4.11 -24.74 14.31
N PRO A 493 3.59 -24.71 15.56
CA PRO A 493 2.29 -25.30 15.85
C PRO A 493 1.21 -24.72 14.93
N LYS A 494 0.36 -25.59 14.43
CA LYS A 494 -0.75 -25.19 13.57
C LYS A 494 -1.55 -23.99 14.13
N ALA A 495 -1.77 -23.99 15.45
CA ALA A 495 -2.50 -22.91 16.12
C ALA A 495 -1.88 -21.59 15.78
N LEU A 496 -0.56 -21.57 15.69
CA LEU A 496 0.18 -20.36 15.41
C LEU A 496 0.23 -20.02 13.89
N ASN A 497 0.40 -21.02 13.05
CA ASN A 497 0.22 -20.84 11.62
C ASN A 497 -1.23 -20.43 11.25
N PHE A 498 -2.25 -21.10 11.78
CA PHE A 498 -3.62 -20.66 11.51
C PHE A 498 -3.91 -19.29 12.12
N GLY A 499 -3.29 -18.98 13.25
CA GLY A 499 -3.38 -17.62 13.80
C GLY A 499 -2.59 -16.53 13.12
N GLY A 500 -1.58 -16.87 12.32
CA GLY A 500 -0.78 -15.82 11.63
C GLY A 500 -1.21 -15.75 10.16
N ILE A 501 -0.55 -16.53 9.35
CA ILE A 501 -0.86 -16.53 7.95
C ILE A 501 -2.34 -16.82 7.68
N GLY A 502 -2.93 -17.77 8.41
CA GLY A 502 -4.34 -18.18 8.25
C GLY A 502 -5.30 -17.02 8.35
N VAL A 503 -5.00 -16.11 9.26
CA VAL A 503 -5.75 -14.86 9.45
C VAL A 503 -5.48 -13.85 8.34
N VAL A 504 -4.24 -13.80 7.87
CA VAL A 504 -3.91 -12.95 6.74
C VAL A 504 -4.68 -13.42 5.51
N VAL A 505 -4.71 -14.72 5.27
CA VAL A 505 -5.51 -15.30 4.17
C VAL A 505 -7.01 -14.91 4.29
N GLY A 506 -7.68 -15.32 5.37
CA GLY A 506 -9.10 -14.96 5.63
C GLY A 506 -9.41 -13.48 5.46
N HIS A 507 -8.48 -12.62 5.87
CA HIS A 507 -8.55 -11.18 5.68
C HIS A 507 -8.67 -10.77 4.20
N GLU A 508 -7.88 -11.43 3.32
CA GLU A 508 -7.88 -11.18 1.89
C GLU A 508 -9.12 -11.74 1.20
N LEU A 509 -9.47 -12.99 1.49
CA LEU A 509 -10.74 -13.56 1.05
C LEU A 509 -11.89 -12.66 1.41
N THR A 510 -11.90 -12.18 2.66
CA THR A 510 -13.04 -11.36 3.11
C THR A 510 -13.16 -10.05 2.36
N HIS A 511 -12.05 -9.58 1.78
CA HIS A 511 -12.05 -8.32 0.99
C HIS A 511 -12.86 -8.48 -0.30
N ALA A 512 -13.05 -9.70 -0.77
CA ALA A 512 -13.91 -9.96 -1.89
C ALA A 512 -15.32 -9.56 -1.63
N PHE A 513 -15.66 -9.32 -0.37
CA PHE A 513 -17.05 -9.16 0.02
C PHE A 513 -17.25 -7.95 0.89
N ASP A 514 -16.24 -7.08 1.02
CA ASP A 514 -16.40 -5.97 1.95
C ASP A 514 -17.22 -4.82 1.33
N ASP A 515 -17.37 -3.71 2.03
CA ASP A 515 -18.18 -2.60 1.47
C ASP A 515 -17.74 -2.16 0.05
N GLN A 516 -16.50 -2.46 -0.31
CA GLN A 516 -16.01 -2.19 -1.66
C GLN A 516 -16.04 -3.42 -2.56
N GLY A 517 -15.44 -4.51 -2.13
CA GLY A 517 -15.27 -5.68 -2.95
C GLY A 517 -16.55 -6.39 -3.31
N ARG A 518 -17.60 -6.23 -2.49
CA ARG A 518 -18.91 -6.83 -2.78
C ARG A 518 -19.58 -6.21 -3.98
N GLU A 519 -19.26 -4.93 -4.26
CA GLU A 519 -19.73 -4.23 -5.45
C GLU A 519 -19.22 -4.80 -6.77
N TYR A 520 -18.25 -5.70 -6.73
CA TYR A 520 -17.71 -6.33 -7.94
C TYR A 520 -18.13 -7.77 -7.94
N ASP A 521 -18.51 -8.25 -9.12
CA ASP A 521 -19.02 -9.61 -9.27
C ASP A 521 -17.87 -10.58 -9.40
N LYS A 522 -18.19 -11.87 -9.59
CA LYS A 522 -17.19 -12.92 -9.64
C LYS A 522 -16.16 -12.82 -10.78
N ASP A 523 -16.51 -12.12 -11.85
CA ASP A 523 -15.59 -11.89 -13.00
C ASP A 523 -14.83 -10.61 -12.86
N GLY A 524 -15.02 -9.91 -11.76
CA GLY A 524 -14.27 -8.71 -11.49
C GLY A 524 -14.94 -7.45 -11.94
N ASN A 525 -16.24 -7.50 -12.25
CA ASN A 525 -16.95 -6.32 -12.82
C ASN A 525 -17.80 -5.61 -11.82
N LEU A 526 -17.72 -4.29 -11.86
CA LEU A 526 -18.53 -3.41 -11.05
C LEU A 526 -19.91 -3.37 -11.69
N ARG A 527 -20.89 -3.96 -11.02
CA ARG A 527 -22.19 -4.21 -11.61
C ARG A 527 -23.01 -4.90 -10.54
N PRO A 528 -24.23 -4.42 -10.28
CA PRO A 528 -25.05 -5.09 -9.29
C PRO A 528 -25.26 -6.54 -9.65
N TRP A 529 -24.93 -7.41 -8.69
CA TRP A 529 -25.14 -8.85 -8.76
C TRP A 529 -25.92 -9.41 -7.55
N TRP A 530 -26.29 -8.55 -6.60
CA TRP A 530 -27.32 -8.88 -5.61
C TRP A 530 -28.59 -8.05 -5.79
N LYS A 531 -29.72 -8.60 -5.33
CA LYS A 531 -30.96 -7.81 -5.11
C LYS A 531 -30.68 -6.70 -4.13
N ASN A 532 -31.35 -5.57 -4.31
CA ASN A 532 -31.20 -4.43 -3.41
C ASN A 532 -31.49 -4.83 -1.96
N SER A 533 -32.49 -5.67 -1.75
CA SER A 533 -32.85 -6.14 -0.41
C SER A 533 -31.66 -6.73 0.36
N SER A 534 -30.90 -7.60 -0.31
CA SER A 534 -29.69 -8.19 0.26
C SER A 534 -28.60 -7.15 0.51
N VAL A 535 -28.51 -6.18 -0.38
CA VAL A 535 -27.60 -5.05 -0.21
C VAL A 535 -28.02 -4.19 1.01
N GLU A 536 -29.31 -3.94 1.16
CA GLU A 536 -29.82 -3.22 2.33
C GLU A 536 -29.53 -4.01 3.61
N ALA A 537 -29.66 -5.34 3.51
CA ALA A 537 -29.39 -6.24 4.62
C ALA A 537 -27.91 -6.23 4.99
N PHE A 538 -27.04 -6.28 3.98
CA PHE A 538 -25.58 -6.16 4.20
C PHE A 538 -25.23 -4.86 4.92
N LYS A 539 -25.82 -3.77 4.47
CA LYS A 539 -25.49 -2.48 5.02
C LYS A 539 -25.82 -2.36 6.52
N ARG A 540 -26.92 -2.99 6.94
CA ARG A 540 -27.30 -3.07 8.33
C ARG A 540 -26.33 -3.83 9.24
N GLN A 541 -25.77 -4.95 8.77
CA GLN A 541 -24.76 -5.67 9.56
C GLN A 541 -23.59 -4.79 9.77
N THR A 542 -23.24 -4.01 8.75
CA THR A 542 -22.00 -3.23 8.76
C THR A 542 -22.12 -2.07 9.74
N GLU A 543 -23.32 -1.57 9.93
CA GLU A 543 -23.52 -0.44 10.82
C GLU A 543 -23.12 -0.82 12.26
N CYS A 544 -23.30 -2.08 12.63
CA CYS A 544 -22.80 -2.56 13.93
C CYS A 544 -21.31 -2.28 14.15
N MET A 545 -20.49 -2.50 13.10
CA MET A 545 -19.02 -2.33 13.20
C MET A 545 -18.60 -0.88 13.15
N VAL A 546 -19.45 -0.06 12.55
CA VAL A 546 -19.32 1.39 12.59
C VAL A 546 -19.48 1.84 14.03
N GLU A 547 -20.68 1.57 14.56
CA GLU A 547 -21.04 1.79 15.96
C GLU A 547 -19.97 1.26 16.89
N GLN A 548 -19.55 0.03 16.65
CA GLN A 548 -18.51 -0.60 17.47
C GLN A 548 -17.18 0.15 17.45
N TYR A 549 -16.61 0.33 16.27
CA TYR A 549 -15.25 0.84 16.19
C TYR A 549 -15.21 2.37 16.45
N SER A 550 -16.35 3.05 16.39
CA SER A 550 -16.38 4.46 16.81
C SER A 550 -16.45 4.61 18.37
N ASN A 551 -16.51 3.47 19.07
CA ASN A 551 -16.51 3.43 20.51
C ASN A 551 -15.08 3.51 21.03
N TYR A 552 -14.13 3.19 20.15
CA TYR A 552 -12.73 3.17 20.53
C TYR A 552 -12.21 4.58 20.46
N SER A 553 -11.17 4.84 21.25
CA SER A 553 -10.48 6.13 21.25
C SER A 553 -9.00 5.86 21.44
N VAL A 554 -8.17 6.85 21.11
CA VAL A 554 -6.72 6.78 21.37
C VAL A 554 -6.20 8.14 21.77
N ASN A 555 -5.59 8.22 22.95
CA ASN A 555 -5.10 9.47 23.45
C ASN A 555 -6.21 10.50 23.34
N GLY A 556 -7.34 10.18 23.97
CA GLY A 556 -8.44 11.12 24.17
C GLY A 556 -9.15 11.58 22.92
N GLU A 557 -9.07 10.80 21.85
CA GLU A 557 -9.64 11.17 20.54
C GLU A 557 -10.27 9.94 19.87
N PRO A 558 -11.41 10.12 19.19
CA PRO A 558 -12.10 8.94 18.69
C PRO A 558 -11.38 8.21 17.57
N VAL A 559 -11.77 6.96 17.38
CA VAL A 559 -11.32 6.13 16.26
C VAL A 559 -12.52 6.13 15.31
N ASN A 560 -12.26 6.28 14.00
CA ASN A 560 -13.36 6.50 13.04
C ASN A 560 -13.94 5.20 12.45
N GLY A 561 -15.16 4.88 12.87
CA GLY A 561 -15.80 3.61 12.53
C GLY A 561 -16.26 3.43 11.08
N ARG A 562 -16.67 4.53 10.45
CA ARG A 562 -17.06 4.52 9.02
C ARG A 562 -15.78 4.44 8.25
N HIS A 563 -14.84 5.28 8.63
CA HIS A 563 -13.62 5.36 7.89
C HIS A 563 -12.92 4.01 7.80
N THR A 564 -12.93 3.22 8.87
CA THR A 564 -12.13 1.98 8.95
C THR A 564 -12.88 0.69 8.60
N LEU A 565 -14.11 0.82 8.10
CA LEU A 565 -15.08 -0.25 8.04
C LEU A 565 -14.60 -1.43 7.21
N GLY A 566 -14.18 -1.17 5.98
CA GLY A 566 -13.70 -2.22 5.08
C GLY A 566 -12.64 -3.14 5.66
N GLU A 567 -11.61 -2.55 6.29
CA GLU A 567 -10.48 -3.32 6.80
C GLU A 567 -10.90 -3.99 8.13
N ASN A 568 -11.83 -3.39 8.86
CA ASN A 568 -12.47 -4.08 9.97
C ASN A 568 -13.32 -5.27 9.56
N ILE A 569 -14.10 -5.12 8.48
CA ILE A 569 -14.90 -6.22 7.98
C ILE A 569 -14.00 -7.41 7.63
N ALA A 570 -12.85 -7.11 7.07
CA ALA A 570 -11.90 -8.12 6.62
C ALA A 570 -11.17 -8.77 7.78
N ASP A 571 -10.83 -7.96 8.78
CA ASP A 571 -10.24 -8.46 10.06
C ASP A 571 -11.17 -9.44 10.75
N ASN A 572 -12.43 -9.09 10.81
CA ASN A 572 -13.40 -9.90 11.47
C ASN A 572 -13.73 -11.22 10.73
N GLY A 573 -13.98 -11.13 9.41
CA GLY A 573 -14.20 -12.32 8.61
C GLY A 573 -13.04 -13.29 8.63
N GLY A 574 -11.83 -12.73 8.60
CA GLY A 574 -10.62 -13.52 8.55
C GLY A 574 -10.17 -14.15 9.85
N LEU A 575 -10.26 -13.42 10.97
CA LEU A 575 -10.06 -14.07 12.29
C LEU A 575 -10.96 -15.30 12.41
N LYS A 576 -12.24 -15.06 12.13
CA LYS A 576 -13.26 -16.04 12.22
C LYS A 576 -13.06 -17.22 11.27
N ALA A 577 -12.75 -16.98 10.00
CA ALA A 577 -12.49 -18.10 9.06
C ALA A 577 -11.28 -18.89 9.47
N ALA A 578 -10.26 -18.23 10.01
CA ALA A 578 -9.03 -18.89 10.39
C ALA A 578 -9.21 -19.81 11.58
N TYR A 579 -10.02 -19.38 12.54
CA TYR A 579 -10.28 -20.18 13.72
C TYR A 579 -11.12 -21.40 13.34
N ARG A 580 -12.21 -21.21 12.60
CA ARG A 580 -12.99 -22.31 12.10
C ARG A 580 -12.09 -23.31 11.39
N ALA A 581 -11.26 -22.83 10.47
CA ALA A 581 -10.31 -23.67 9.71
C ALA A 581 -9.39 -24.47 10.63
N TYR A 582 -8.93 -23.82 11.68
CA TYR A 582 -8.10 -24.47 12.69
C TYR A 582 -8.89 -25.54 13.48
N GLN A 583 -10.17 -25.29 13.73
CA GLN A 583 -11.05 -26.31 14.29
C GLN A 583 -11.22 -27.45 13.32
N ASN A 584 -11.41 -27.14 12.06
CA ASN A 584 -11.47 -28.14 11.00
C ASN A 584 -10.27 -29.07 10.98
N TRP A 585 -9.09 -28.48 10.92
CA TRP A 585 -7.84 -29.22 11.06
C TRP A 585 -7.81 -30.13 12.32
N VAL A 586 -8.14 -29.59 13.48
CA VAL A 586 -8.17 -30.41 14.72
C VAL A 586 -9.23 -31.52 14.61
N LYS A 587 -10.32 -31.23 13.91
CA LYS A 587 -11.39 -32.20 13.71
C LYS A 587 -10.89 -33.41 12.91
N LYS A 588 -10.14 -33.14 11.84
CA LYS A 588 -9.61 -34.19 10.99
C LYS A 588 -8.43 -34.91 11.64
N ASN A 589 -7.54 -34.15 12.25
CA ASN A 589 -6.20 -34.64 12.60
C ASN A 589 -5.98 -34.92 14.08
N GLY A 590 -6.75 -34.25 14.94
CA GLY A 590 -6.60 -34.44 16.37
C GLY A 590 -5.62 -33.43 16.96
N ALA A 591 -5.84 -33.09 18.23
CA ALA A 591 -5.05 -32.08 18.90
C ALA A 591 -3.54 -32.37 18.89
N GLU A 592 -2.76 -31.37 18.49
CA GLU A 592 -1.33 -31.38 18.75
C GLU A 592 -1.06 -31.19 20.23
N HIS A 593 0.19 -31.40 20.62
CA HIS A 593 0.60 -31.17 22.00
C HIS A 593 0.61 -29.69 22.33
N SER A 594 0.73 -29.38 23.60
CA SER A 594 0.74 -28.00 24.07
C SER A 594 2.17 -27.51 24.30
N LEU A 595 2.33 -26.20 24.27
CA LEU A 595 3.59 -25.57 24.63
C LEU A 595 3.69 -25.57 26.14
N PRO A 596 4.95 -25.52 26.68
CA PRO A 596 5.25 -25.97 28.02
C PRO A 596 5.22 -24.90 29.13
N THR A 597 6.07 -23.90 29.02
CA THR A 597 6.09 -22.81 29.98
C THR A 597 4.74 -22.09 30.00
N LEU A 598 4.11 -22.02 28.83
CA LEU A 598 2.84 -21.33 28.70
C LEU A 598 1.87 -21.97 29.65
N GLY A 599 0.83 -21.27 30.03
CA GLY A 599 -0.22 -21.89 30.83
C GLY A 599 -1.45 -22.10 29.98
N LEU A 600 -1.24 -22.32 28.69
CA LEU A 600 -2.29 -22.05 27.70
C LEU A 600 -2.51 -23.23 26.77
N THR A 601 -3.76 -23.57 26.50
CA THR A 601 -4.08 -24.56 25.46
C THR A 601 -3.83 -24.01 24.04
N ASN A 602 -3.91 -24.92 23.06
CA ASN A 602 -3.69 -24.57 21.64
C ASN A 602 -4.72 -23.60 21.11
N ASN A 603 -5.97 -23.81 21.50
CA ASN A 603 -7.08 -22.95 21.10
C ASN A 603 -6.96 -21.54 21.66
N GLN A 604 -6.36 -21.41 22.84
CA GLN A 604 -6.03 -20.10 23.37
C GLN A 604 -4.80 -19.54 22.64
N LEU A 605 -3.78 -20.39 22.45
CA LEU A 605 -2.60 -20.04 21.68
C LEU A 605 -2.99 -19.40 20.32
N PHE A 606 -3.98 -19.97 19.63
CA PHE A 606 -4.49 -19.34 18.43
C PHE A 606 -4.75 -17.82 18.56
N PHE A 607 -5.53 -17.44 19.57
CA PHE A 607 -5.95 -16.05 19.79
C PHE A 607 -4.77 -15.21 20.20
N LEU A 608 -3.91 -15.78 21.02
CA LEU A 608 -2.70 -15.10 21.46
C LEU A 608 -1.73 -14.83 20.33
N GLY A 609 -1.40 -15.87 19.55
CA GLY A 609 -0.51 -15.69 18.38
C GLY A 609 -1.03 -14.59 17.47
N PHE A 610 -2.33 -14.61 17.19
CA PHE A 610 -2.98 -13.61 16.38
C PHE A 610 -2.64 -12.20 16.87
N ALA A 611 -2.95 -11.94 18.13
CA ALA A 611 -2.65 -10.66 18.77
C ALA A 611 -1.17 -10.24 18.73
N GLN A 612 -0.26 -11.20 18.85
CA GLN A 612 1.16 -10.86 18.88
C GLN A 612 1.72 -10.40 17.53
N VAL A 613 1.05 -10.76 16.43
CA VAL A 613 1.37 -10.24 15.10
C VAL A 613 1.24 -8.73 15.10
N TRP A 614 0.21 -8.25 15.77
CA TRP A 614 -0.11 -6.82 15.82
C TRP A 614 0.52 -6.01 16.96
N CYS A 615 1.47 -6.62 17.66
CA CYS A 615 2.26 -5.91 18.68
C CYS A 615 2.98 -4.75 18.00
N SER A 616 2.77 -3.53 18.49
CA SER A 616 3.33 -2.35 17.83
C SER A 616 3.41 -1.08 18.68
N VAL A 617 4.38 -0.23 18.35
CA VAL A 617 4.49 1.11 18.93
C VAL A 617 4.57 2.17 17.84
N ARG A 618 4.06 3.35 18.14
CA ARG A 618 4.14 4.43 17.17
C ARG A 618 4.14 5.83 17.76
N THR A 619 4.60 6.74 16.91
CA THR A 619 4.88 8.12 17.23
C THR A 619 3.59 8.76 17.67
N PRO A 620 3.64 9.57 18.74
CA PRO A 620 2.41 10.18 19.27
C PRO A 620 1.64 11.02 18.23
N GLU A 621 2.38 11.60 17.30
CA GLU A 621 1.81 12.36 16.20
C GLU A 621 1.15 11.38 15.24
N SER A 622 1.86 10.27 14.97
CA SER A 622 1.43 9.28 13.96
C SER A 622 0.01 8.81 14.27
N SER A 623 -0.22 8.55 15.55
CA SER A 623 -1.53 8.10 16.05
C SER A 623 -2.66 9.09 15.87
N HIS A 624 -2.42 10.39 16.07
CA HIS A 624 -3.44 11.41 15.75
C HIS A 624 -3.74 11.39 14.24
N GLU A 625 -2.72 11.04 13.47
CA GLU A 625 -2.69 11.10 12.02
C GLU A 625 -3.26 9.85 11.35
N GLY A 626 -2.71 8.69 11.70
CA GLY A 626 -3.23 7.42 11.22
C GLY A 626 -4.74 7.36 11.44
N LEU A 627 -5.15 7.76 12.64
CA LEU A 627 -6.56 7.92 13.05
C LEU A 627 -7.45 8.74 12.08
N ILE A 628 -6.86 9.32 11.04
CA ILE A 628 -7.61 10.04 10.02
C ILE A 628 -7.26 9.61 8.60
N THR A 629 -6.03 9.15 8.38
CA THR A 629 -5.56 8.69 7.07
C THR A 629 -5.58 7.15 6.82
N ASP A 630 -5.32 6.33 7.85
CA ASP A 630 -5.13 4.87 7.60
C ASP A 630 -6.52 4.24 7.53
N PRO A 631 -6.79 3.43 6.48
CA PRO A 631 -8.10 2.77 6.42
C PRO A 631 -8.12 1.58 7.38
N HIS A 632 -6.93 1.10 7.72
CA HIS A 632 -6.74 0.10 8.75
C HIS A 632 -6.92 0.72 10.11
N SER A 633 -7.49 -0.04 11.05
CA SER A 633 -7.63 0.38 12.45
C SER A 633 -6.25 0.38 13.10
N PRO A 634 -6.08 1.17 14.18
CA PRO A 634 -4.86 1.08 14.97
C PRO A 634 -4.66 -0.39 15.36
N SER A 635 -3.45 -0.87 15.33
CA SER A 635 -3.16 -2.26 15.68
C SER A 635 -3.92 -2.82 16.91
N ARG A 636 -4.04 -2.05 17.98
CA ARG A 636 -4.61 -2.60 19.21
C ARG A 636 -6.10 -2.88 19.06
N PHE A 637 -6.80 -2.00 18.35
CA PHE A 637 -8.21 -2.22 18.06
C PHE A 637 -8.43 -3.19 16.91
N ARG A 638 -7.40 -3.53 16.15
CA ARG A 638 -7.54 -4.64 15.21
C ARG A 638 -7.72 -5.95 15.98
N VAL A 639 -6.86 -6.13 16.97
CA VAL A 639 -6.91 -7.22 17.93
C VAL A 639 -8.23 -7.21 18.70
N ILE A 640 -8.52 -6.09 19.35
CA ILE A 640 -9.61 -6.01 20.29
C ILE A 640 -10.95 -6.02 19.63
N GLY A 641 -11.05 -5.36 18.49
CA GLY A 641 -12.30 -5.30 17.77
C GLY A 641 -12.64 -6.64 17.18
N SER A 642 -11.62 -7.38 16.78
CA SER A 642 -11.80 -8.72 16.23
C SER A 642 -12.18 -9.74 17.30
N LEU A 643 -11.34 -9.82 18.32
CA LEU A 643 -11.58 -10.71 19.48
C LEU A 643 -12.92 -10.46 20.13
N SER A 644 -13.33 -9.19 20.16
CA SER A 644 -14.56 -8.79 20.81
C SER A 644 -15.80 -9.26 20.09
N ASN A 645 -15.69 -9.51 18.80
CA ASN A 645 -16.81 -10.08 18.06
C ASN A 645 -16.82 -11.61 18.06
N SER A 646 -15.82 -12.23 18.67
CA SER A 646 -15.68 -13.69 18.71
C SER A 646 -16.19 -14.25 20.05
N LYS A 647 -17.31 -14.96 19.99
CA LYS A 647 -17.81 -15.80 21.07
C LYS A 647 -16.73 -16.81 21.50
N GLU A 648 -15.99 -17.33 20.52
CA GLU A 648 -15.03 -18.38 20.73
C GLU A 648 -13.80 -17.90 21.49
N PHE A 649 -13.39 -16.66 21.27
CA PHE A 649 -12.34 -16.04 22.09
C PHE A 649 -12.80 -15.95 23.53
N SER A 650 -14.01 -15.44 23.74
CA SER A 650 -14.54 -15.32 25.10
C SER A 650 -14.74 -16.68 25.78
N GLU A 651 -15.31 -17.69 25.11
CA GLU A 651 -15.41 -19.01 25.74
C GLU A 651 -14.04 -19.44 26.23
N HIS A 652 -13.03 -19.25 25.42
CA HIS A 652 -11.72 -19.85 25.70
C HIS A 652 -10.85 -19.12 26.71
N PHE A 653 -11.04 -17.81 26.87
CA PHE A 653 -10.50 -17.07 28.01
C PHE A 653 -11.53 -16.80 29.13
N ARG A 654 -12.71 -17.42 29.03
CA ARG A 654 -13.81 -17.30 30.01
C ARG A 654 -14.01 -15.88 30.53
N CYS A 655 -14.17 -14.97 29.57
CA CYS A 655 -14.47 -13.58 29.81
C CYS A 655 -15.94 -13.51 30.17
N PRO A 656 -16.23 -12.97 31.37
CA PRO A 656 -17.61 -12.87 31.86
C PRO A 656 -18.54 -12.05 30.99
N PRO A 657 -19.86 -12.26 31.17
CA PRO A 657 -21.02 -11.70 30.43
C PRO A 657 -20.92 -10.26 29.84
N GLY A 658 -20.09 -9.42 30.42
CA GLY A 658 -19.91 -8.09 29.86
C GLY A 658 -18.64 -7.49 30.36
N SER A 659 -17.57 -8.30 30.34
CA SER A 659 -16.22 -7.73 30.43
C SER A 659 -15.94 -6.90 29.16
N PRO A 660 -14.95 -6.00 29.23
CA PRO A 660 -14.61 -5.23 28.06
C PRO A 660 -14.47 -6.05 26.74
N MET A 661 -13.81 -7.20 26.84
CA MET A 661 -13.42 -8.00 25.69
C MET A 661 -14.54 -8.93 25.26
N ASN A 662 -15.69 -8.76 25.91
CA ASN A 662 -16.82 -9.61 25.70
C ASN A 662 -18.18 -8.87 25.59
N PRO A 663 -18.28 -7.88 24.66
CA PRO A 663 -19.49 -7.09 24.39
C PRO A 663 -20.75 -7.88 24.03
N PRO A 664 -21.88 -7.53 24.62
CA PRO A 664 -23.07 -8.24 24.18
C PRO A 664 -23.49 -7.87 22.76
N HIS A 665 -23.31 -6.61 22.35
CA HIS A 665 -23.51 -6.23 20.95
C HIS A 665 -22.34 -6.71 20.11
N LYS A 666 -22.35 -7.97 19.71
CA LYS A 666 -21.33 -8.50 18.81
C LYS A 666 -21.75 -8.24 17.35
N CYS A 667 -20.78 -7.82 16.55
CA CYS A 667 -20.99 -7.54 15.11
C CYS A 667 -20.57 -8.76 14.27
N GLU A 668 -21.26 -9.02 13.20
CA GLU A 668 -20.89 -10.11 12.32
C GLU A 668 -21.35 -9.78 10.95
N VAL A 669 -20.44 -9.72 10.00
CA VAL A 669 -20.89 -9.60 8.64
C VAL A 669 -20.48 -10.85 7.86
N TRP A 670 -19.19 -11.11 7.68
CA TRP A 670 -18.74 -12.38 7.07
C TRP A 670 -18.21 -13.34 8.10
#